data_5VCP
#
_entry.id   5VCP
#
_cell.length_a   63.110
_cell.length_b   90.330
_cell.length_c   140.210
_cell.angle_alpha   90.000
_cell.angle_beta   90.000
_cell.angle_gamma   90.000
#
_symmetry.space_group_name_H-M   'P 21 21 21'
#
loop_
_entity.id
_entity.type
_entity.pdbx_description
1 polymer 'Peptide deformylase'
2 non-polymer 'FE (II) ION'
3 non-polymer ACTINONIN
4 non-polymer 'MAGNESIUM ION'
5 water water
#
_entity_poly.entity_id   1
_entity_poly.type   'polypeptide(L)'
_entity_poly.pdbx_seq_one_letter_code
;MAHHHHHHMIREILKMGDPRLLRIADPVDHFDTPELHELVKDMFETMHDANGAGLAAPQIGVNLQVVIFGFGHNERYPDA
PPVPETVLINPTITPVSQDMEEGWEGCLSVPGLRGAVSRFSMIKYHGFDQYGKPIDRVAEGFHARVVQHECDHLIGKLYP
MRINDFAKFGFTEVLFPDMDPNSDD
;
_entity_poly.pdbx_strand_id   A,B,C,D
#
loop_
_chem_comp.id
_chem_comp.type
_chem_comp.name
_chem_comp.formula
BB2 non-polymer ACTINONIN 'C19 H35 N3 O5'
FE2 non-polymer 'FE (II) ION' 'Fe 2'
MG non-polymer 'MAGNESIUM ION' 'Mg 2'
#
# COMPACT_ATOMS: atom_id res chain seq x y z
N ILE A 10 -22.10 37.10 10.49
CA ILE A 10 -21.38 35.92 10.02
C ILE A 10 -21.03 36.04 8.54
N ARG A 11 -19.74 36.12 8.27
CA ARG A 11 -19.24 36.22 6.90
C ARG A 11 -19.09 34.80 6.36
N GLU A 12 -19.24 34.62 5.05
CA GLU A 12 -19.09 33.29 4.45
C GLU A 12 -17.64 32.84 4.48
N ILE A 13 -17.41 31.57 4.79
CA ILE A 13 -16.05 31.04 4.77
C ILE A 13 -15.76 30.58 3.35
N LEU A 14 -14.71 31.13 2.75
CA LEU A 14 -14.35 30.77 1.38
C LEU A 14 -13.89 29.33 1.33
N LYS A 15 -14.21 28.64 0.25
CA LYS A 15 -13.89 27.21 0.14
C LYS A 15 -12.76 27.00 -0.87
N MET A 16 -12.01 25.92 -0.68
CA MET A 16 -10.88 25.61 -1.54
C MET A 16 -11.27 25.69 -3.01
N GLY A 17 -10.41 26.34 -3.80
CA GLY A 17 -10.75 26.64 -5.17
C GLY A 17 -10.87 28.15 -5.34
N ASP A 18 -11.21 28.84 -4.27
CA ASP A 18 -11.31 30.31 -4.34
C ASP A 18 -9.90 30.91 -4.39
N PRO A 19 -9.62 31.76 -5.39
CA PRO A 19 -8.27 32.35 -5.51
C PRO A 19 -7.85 33.19 -4.29
N ARG A 20 -8.81 33.67 -3.51
CA ARG A 20 -8.46 34.51 -2.35
C ARG A 20 -7.78 33.70 -1.25
N LEU A 21 -7.88 32.38 -1.31
CA LEU A 21 -7.21 31.50 -0.36
C LEU A 21 -5.74 31.23 -0.74
N LEU A 22 -5.32 31.75 -1.88
CA LEU A 22 -4.01 31.40 -2.44
C LEU A 22 -3.01 32.56 -2.49
N ARG A 23 -3.23 33.57 -1.66
CA ARG A 23 -2.46 34.82 -1.76
C ARG A 23 -1.57 35.11 -0.56
N ILE A 24 -0.65 36.06 -0.70
CA ILE A 24 0.17 36.52 0.42
C ILE A 24 -0.55 37.69 1.12
N ALA A 25 -0.87 37.53 2.40
CA ALA A 25 -1.61 38.58 3.13
C ALA A 25 -0.71 39.78 3.46
N ASP A 26 -1.29 40.97 3.47
CA ASP A 26 -0.57 42.18 3.86
C ASP A 26 -0.63 42.42 5.36
N PRO A 27 0.44 43.00 5.92
CA PRO A 27 0.42 43.30 7.36
C PRO A 27 -0.58 44.39 7.70
N VAL A 28 -1.09 44.34 8.94
CA VAL A 28 -1.91 45.39 9.49
C VAL A 28 -0.97 46.57 9.84
N ASP A 29 -1.31 47.76 9.39
CA ASP A 29 -0.45 48.93 9.59
C ASP A 29 -0.84 49.74 10.82
N HIS A 30 -2.11 49.71 11.17
CA HIS A 30 -2.63 50.55 12.25
C HIS A 30 -3.46 49.72 13.22
N PHE A 31 -3.15 49.81 14.50
CA PHE A 31 -3.84 49.02 15.53
C PHE A 31 -4.91 49.82 16.24
N ASP A 32 -5.79 49.11 16.95
CA ASP A 32 -6.84 49.73 17.76
C ASP A 32 -7.74 50.64 16.92
N THR A 33 -8.09 50.17 15.72
CA THR A 33 -8.99 50.92 14.84
C THR A 33 -10.37 50.27 14.83
N PRO A 34 -11.43 51.07 14.57
CA PRO A 34 -12.76 50.45 14.51
C PRO A 34 -12.84 49.35 13.45
N GLU A 35 -12.17 49.53 12.32
CA GLU A 35 -12.24 48.52 11.27
C GLU A 35 -11.51 47.23 11.68
N LEU A 36 -10.42 47.35 12.44
CA LEU A 36 -9.72 46.16 12.93
C LEU A 36 -10.56 45.43 13.99
N HIS A 37 -11.18 46.19 14.90
CA HIS A 37 -12.06 45.59 15.91
C HIS A 37 -13.23 44.87 15.27
N GLU A 38 -13.79 45.45 14.21
CA GLU A 38 -14.89 44.82 13.48
C GLU A 38 -14.43 43.53 12.79
N LEU A 39 -13.24 43.56 12.18
CA LEU A 39 -12.69 42.37 11.54
C LEU A 39 -12.57 41.23 12.56
N VAL A 40 -12.00 41.55 13.71
CA VAL A 40 -11.81 40.52 14.74
C VAL A 40 -13.16 39.98 15.21
N LYS A 41 -14.14 40.87 15.41
CA LYS A 41 -15.47 40.44 15.80
C LYS A 41 -16.10 39.53 14.75
N ASP A 42 -16.00 39.92 13.48
CA ASP A 42 -16.57 39.11 12.39
C ASP A 42 -15.92 37.73 12.32
N MET A 43 -14.61 37.68 12.51
CA MET A 43 -13.87 36.43 12.45
C MET A 43 -14.29 35.50 13.59
N PHE A 44 -14.41 36.05 14.79
CA PHE A 44 -14.84 35.24 15.92
C PHE A 44 -16.28 34.75 15.74
N GLU A 45 -17.16 35.61 15.25
CA GLU A 45 -18.56 35.18 15.01
C GLU A 45 -18.61 34.04 13.99
N THR A 46 -17.87 34.19 12.91
CA THR A 46 -17.82 33.22 11.84
C THR A 46 -17.21 31.90 12.32
N MET A 47 -16.09 31.99 13.03
CA MET A 47 -15.40 30.81 13.56
C MET A 47 -16.28 30.02 14.52
N HIS A 48 -16.90 30.74 15.46
CA HIS A 48 -17.75 30.11 16.46
C HIS A 48 -18.99 29.48 15.82
N ASP A 49 -19.56 30.16 14.84
CA ASP A 49 -20.70 29.62 14.11
C ASP A 49 -20.37 28.29 13.41
N ALA A 50 -19.11 28.15 13.00
CA ALA A 50 -18.66 26.97 12.27
C ALA A 50 -17.97 25.93 13.18
N ASN A 51 -17.97 26.20 14.49
CA ASN A 51 -17.30 25.35 15.47
C ASN A 51 -15.81 25.11 15.20
N GLY A 52 -15.10 26.15 14.78
CA GLY A 52 -13.69 26.02 14.47
C GLY A 52 -12.74 26.29 15.63
N ALA A 53 -11.53 25.76 15.56
CA ALA A 53 -10.52 26.04 16.57
C ALA A 53 -9.67 27.26 16.19
N GLY A 54 -9.85 27.76 14.97
CA GLY A 54 -9.09 28.90 14.50
C GLY A 54 -9.67 29.46 13.21
N LEU A 55 -9.20 30.63 12.81
CA LEU A 55 -9.64 31.22 11.54
C LEU A 55 -8.63 32.26 11.11
N ALA A 56 -8.41 32.35 9.81
CA ALA A 56 -7.50 33.36 9.27
C ALA A 56 -8.28 34.34 8.38
N ALA A 57 -7.90 35.61 8.43
CA ALA A 57 -8.65 36.64 7.69
C ALA A 57 -8.88 36.31 6.19
N PRO A 58 -7.89 35.72 5.46
CA PRO A 58 -8.19 35.42 4.06
C PRO A 58 -9.36 34.45 3.89
N GLN A 59 -9.67 33.64 4.90
CA GLN A 59 -10.79 32.71 4.80
C GLN A 59 -12.15 33.43 4.74
N ILE A 60 -12.22 34.70 5.12
CA ILE A 60 -13.44 35.44 4.86
C ILE A 60 -13.17 36.56 3.83
N GLY A 61 -12.15 36.37 3.02
CA GLY A 61 -11.89 37.25 1.90
C GLY A 61 -11.15 38.54 2.25
N VAL A 62 -10.53 38.56 3.43
CA VAL A 62 -9.81 39.77 3.86
C VAL A 62 -8.31 39.45 3.84
N ASN A 63 -7.57 40.10 2.95
CA ASN A 63 -6.18 39.67 2.73
C ASN A 63 -5.17 40.32 3.68
N LEU A 64 -5.43 40.17 5.00
CA LEU A 64 -4.62 40.81 6.04
C LEU A 64 -4.04 39.75 6.99
N GLN A 65 -2.90 40.05 7.60
CA GLN A 65 -2.21 39.10 8.47
C GLN A 65 -2.86 39.07 9.86
N VAL A 66 -4.05 38.49 9.92
CA VAL A 66 -4.79 38.39 11.17
C VAL A 66 -5.26 36.95 11.31
N VAL A 67 -4.92 36.32 12.44
CA VAL A 67 -5.49 35.02 12.72
C VAL A 67 -6.03 35.01 14.14
N ILE A 68 -7.01 34.14 14.38
CA ILE A 68 -7.50 33.92 15.72
C ILE A 68 -7.50 32.43 15.98
N PHE A 69 -7.40 32.04 17.25
CA PHE A 69 -7.45 30.62 17.60
C PHE A 69 -7.70 30.48 19.09
N GLY A 70 -8.03 29.26 19.51
CA GLY A 70 -8.36 28.98 20.89
C GLY A 70 -9.52 28.00 20.95
N PHE A 71 -9.34 26.94 21.73
CA PHE A 71 -10.32 25.87 21.83
C PHE A 71 -10.25 25.19 23.19
N PRO A 81 -3.90 20.83 28.32
CA PRO A 81 -3.27 21.97 27.64
C PRO A 81 -4.22 22.76 26.72
N PRO A 82 -5.29 23.37 27.28
CA PRO A 82 -6.19 24.14 26.43
C PRO A 82 -5.49 25.26 25.69
N VAL A 83 -5.85 25.47 24.43
CA VAL A 83 -5.27 26.55 23.65
C VAL A 83 -5.99 27.83 24.03
N PRO A 84 -5.24 28.86 24.45
CA PRO A 84 -5.81 30.12 24.92
C PRO A 84 -6.41 30.93 23.77
N GLU A 85 -7.56 31.57 23.99
CA GLU A 85 -8.18 32.37 22.94
C GLU A 85 -7.29 33.57 22.62
N THR A 86 -6.94 33.69 21.36
CA THR A 86 -5.87 34.58 20.96
C THR A 86 -6.21 35.28 19.66
N VAL A 87 -5.88 36.56 19.60
CA VAL A 87 -5.84 37.30 18.35
C VAL A 87 -4.38 37.54 18.03
N LEU A 88 -3.93 37.09 16.87
CA LEU A 88 -2.52 37.19 16.54
C LEU A 88 -2.37 37.93 15.22
N ILE A 89 -1.70 39.08 15.25
CA ILE A 89 -1.63 39.93 14.07
C ILE A 89 -0.18 40.13 13.63
N ASN A 90 0.07 40.15 12.32
CA ASN A 90 1.44 40.26 11.77
C ASN A 90 2.40 39.22 12.39
N PRO A 91 2.01 37.93 12.34
CA PRO A 91 2.80 36.94 13.08
C PRO A 91 4.11 36.54 12.41
N THR A 92 5.06 36.07 13.22
CA THR A 92 6.22 35.34 12.72
C THR A 92 6.36 34.06 13.53
N ILE A 93 6.81 33.00 12.87
CA ILE A 93 7.04 31.72 13.53
C ILE A 93 8.49 31.29 13.37
N THR A 94 9.12 30.91 14.48
CA THR A 94 10.47 30.39 14.50
C THR A 94 10.50 29.02 15.17
N PRO A 95 10.84 27.97 14.42
CA PRO A 95 10.95 26.64 15.02
C PRO A 95 12.01 26.62 16.11
N VAL A 96 11.71 25.99 17.24
CA VAL A 96 12.67 25.88 18.32
C VAL A 96 13.66 24.75 18.02
N SER A 97 13.16 23.68 17.42
CA SER A 97 14.03 22.61 16.91
C SER A 97 13.49 22.18 15.56
N GLN A 98 14.21 21.29 14.88
CA GLN A 98 13.73 20.83 13.58
C GLN A 98 12.82 19.62 13.71
N ASP A 99 12.50 19.23 14.94
CA ASP A 99 11.62 18.10 15.18
C ASP A 99 10.22 18.31 14.61
N MET A 100 9.70 17.29 13.93
CA MET A 100 8.37 17.42 13.35
C MET A 100 7.51 16.21 13.70
N GLU A 101 6.20 16.37 13.65
CA GLU A 101 5.33 15.24 13.93
C GLU A 101 4.15 15.27 12.97
N GLU A 102 3.75 14.10 12.51
CA GLU A 102 2.64 14.00 11.58
C GLU A 102 1.34 13.98 12.38
N GLY A 103 0.30 14.63 11.88
CA GLY A 103 -0.98 14.61 12.57
C GLY A 103 -2.13 14.91 11.63
N TRP A 104 -3.35 14.51 11.98
CA TRP A 104 -4.50 14.73 11.11
C TRP A 104 -5.00 16.18 11.21
N GLU A 105 -5.26 16.80 10.06
CA GLU A 105 -5.79 18.16 10.03
C GLU A 105 -7.02 18.25 9.16
N GLY A 106 -7.91 19.16 9.52
CA GLY A 106 -9.00 19.56 8.67
C GLY A 106 -9.02 21.08 8.65
N CYS A 107 -9.84 21.66 7.78
CA CYS A 107 -9.90 23.11 7.57
C CYS A 107 -11.34 23.47 7.22
N LEU A 108 -11.85 24.58 7.74
CA LEU A 108 -13.20 25.03 7.42
C LEU A 108 -13.31 25.36 5.93
N SER A 109 -12.19 25.67 5.28
CA SER A 109 -12.23 25.94 3.86
C SER A 109 -12.17 24.64 3.04
N VAL A 110 -11.96 23.50 3.71
CA VAL A 110 -11.92 22.19 3.03
C VAL A 110 -12.86 21.21 3.74
N PRO A 111 -14.18 21.51 3.75
CA PRO A 111 -15.13 20.71 4.53
C PRO A 111 -15.25 19.27 4.06
N GLY A 112 -15.39 18.34 5.01
CA GLY A 112 -15.64 16.95 4.71
C GLY A 112 -14.39 16.10 4.57
N LEU A 113 -13.21 16.72 4.62
CA LEU A 113 -11.93 16.03 4.39
C LEU A 113 -10.97 16.13 5.58
N ARG A 114 -10.03 15.19 5.65
CA ARG A 114 -8.91 15.22 6.59
C ARG A 114 -7.65 14.75 5.86
N GLY A 115 -6.49 15.26 6.27
CA GLY A 115 -5.22 14.78 5.73
C GLY A 115 -4.14 14.82 6.79
N ALA A 116 -3.15 13.94 6.66
CA ALA A 116 -2.01 13.93 7.57
C ALA A 116 -0.94 14.94 7.12
N VAL A 117 -0.57 15.82 8.04
CA VAL A 117 0.37 16.90 7.78
C VAL A 117 1.48 16.89 8.81
N SER A 118 2.73 17.03 8.35
CA SER A 118 3.85 17.21 9.27
C SER A 118 3.98 18.67 9.67
N ARG A 119 4.12 18.92 10.97
CA ARG A 119 4.30 20.25 11.52
C ARG A 119 5.46 20.23 12.50
N PHE A 120 6.06 21.39 12.75
CA PHE A 120 7.08 21.52 13.78
C PHE A 120 6.45 21.19 15.13
N SER A 121 7.16 20.40 15.94
CA SER A 121 6.72 19.99 17.27
C SER A 121 6.77 21.14 18.27
N MET A 122 7.73 22.04 18.09
CA MET A 122 7.94 23.12 19.04
C MET A 122 8.33 24.39 18.32
N ILE A 123 7.60 25.46 18.58
CA ILE A 123 7.83 26.74 17.93
C ILE A 123 7.78 27.89 18.93
N LYS A 124 8.42 28.99 18.58
CA LYS A 124 8.09 30.25 19.23
C LYS A 124 7.33 31.06 18.22
N TYR A 125 6.35 31.83 18.67
CA TYR A 125 5.71 32.73 17.73
C TYR A 125 5.55 34.11 18.33
N HIS A 126 5.55 35.09 17.44
CA HIS A 126 5.51 36.50 17.84
C HIS A 126 4.45 37.20 17.00
N GLY A 127 3.81 38.21 17.59
CA GLY A 127 2.83 38.99 16.87
C GLY A 127 2.25 40.03 17.80
N PHE A 128 1.05 40.53 17.47
CA PHE A 128 0.43 41.60 18.27
C PHE A 128 -1.05 41.30 18.44
N ASP A 129 -1.67 41.78 19.53
CA ASP A 129 -3.14 41.68 19.59
C ASP A 129 -3.73 42.88 18.83
N GLN A 130 -5.06 43.01 18.83
CA GLN A 130 -5.71 44.08 18.06
C GLN A 130 -5.49 45.49 18.65
N TYR A 131 -4.88 45.58 19.83
CA TYR A 131 -4.56 46.87 20.43
C TYR A 131 -3.09 47.23 20.22
N GLY A 132 -2.37 46.35 19.55
CA GLY A 132 -0.96 46.57 19.24
C GLY A 132 0.01 46.11 20.30
N LYS A 133 -0.48 45.38 21.30
CA LYS A 133 0.38 44.84 22.36
C LYS A 133 1.11 43.59 21.88
N PRO A 134 2.42 43.49 22.16
CA PRO A 134 3.17 42.34 21.63
C PRO A 134 2.72 41.02 22.25
N ILE A 135 2.76 39.95 21.47
CA ILE A 135 2.51 38.60 21.93
C ILE A 135 3.76 37.77 21.63
N ASP A 136 4.29 37.09 22.64
CA ASP A 136 5.48 36.26 22.45
C ASP A 136 5.34 34.96 23.22
N ARG A 137 5.24 33.86 22.50
CA ARG A 137 4.93 32.58 23.13
C ARG A 137 5.75 31.45 22.57
N VAL A 138 5.93 30.42 23.39
CA VAL A 138 6.44 29.12 22.94
C VAL A 138 5.27 28.15 22.93
N ALA A 139 5.13 27.38 21.87
CA ALA A 139 4.03 26.41 21.78
C ALA A 139 4.54 25.06 21.29
N GLU A 140 3.88 23.99 21.72
CA GLU A 140 4.24 22.65 21.24
C GLU A 140 2.97 21.85 20.93
N GLY A 141 3.13 20.70 20.27
CA GLY A 141 1.99 19.84 20.01
C GLY A 141 0.86 20.54 19.26
N PHE A 142 -0.36 20.32 19.70
CA PHE A 142 -1.55 20.84 19.02
C PHE A 142 -1.57 22.36 18.93
N HIS A 143 -1.21 23.03 20.03
CA HIS A 143 -1.09 24.48 20.05
C HIS A 143 -0.17 24.94 18.89
N ALA A 144 1.02 24.34 18.79
CA ALA A 144 1.94 24.68 17.71
C ALA A 144 1.35 24.39 16.33
N ARG A 145 0.63 23.28 16.22
CA ARG A 145 0.00 22.89 14.96
C ARG A 145 -1.05 23.91 14.50
N VAL A 146 -1.95 24.32 15.41
CA VAL A 146 -2.99 25.30 15.04
C VAL A 146 -2.36 26.59 14.57
N VAL A 147 -1.32 27.03 15.28
CA VAL A 147 -0.69 28.29 14.91
C VAL A 147 -0.05 28.19 13.51
N GLN A 148 0.62 27.07 13.24
CA GLN A 148 1.23 26.87 11.93
C GLN A 148 0.17 26.81 10.85
N HIS A 149 -0.89 26.06 11.12
CA HIS A 149 -2.01 25.94 10.19
C HIS A 149 -2.60 27.31 9.83
N GLU A 150 -2.88 28.13 10.85
CA GLU A 150 -3.49 29.45 10.59
C GLU A 150 -2.56 30.37 9.83
N CYS A 151 -1.29 30.39 10.23
CA CYS A 151 -0.31 31.25 9.57
C CYS A 151 -0.05 30.83 8.11
N ASP A 152 -0.14 29.52 7.83
CA ASP A 152 -0.05 29.05 6.43
C ASP A 152 -1.09 29.76 5.54
N HIS A 153 -2.30 29.98 6.06
CA HIS A 153 -3.30 30.72 5.29
C HIS A 153 -2.81 32.10 4.83
N LEU A 154 -1.97 32.72 5.65
CA LEU A 154 -1.51 34.08 5.39
C LEU A 154 -0.47 34.09 4.26
N ILE A 155 0.05 32.91 3.90
CA ILE A 155 0.95 32.85 2.75
C ILE A 155 0.38 31.98 1.65
N GLY A 156 -0.96 31.86 1.60
CA GLY A 156 -1.65 31.22 0.50
C GLY A 156 -1.53 29.70 0.49
N LYS A 157 -1.33 29.13 1.67
CA LYS A 157 -1.17 27.67 1.79
C LYS A 157 -2.38 27.05 2.49
N LEU A 158 -2.98 26.07 1.84
CA LEU A 158 -4.01 25.24 2.44
C LEU A 158 -3.33 23.89 2.75
N TYR A 159 -3.81 23.16 3.74
CA TYR A 159 -3.04 22.00 4.19
C TYR A 159 -2.84 20.90 3.10
N PRO A 160 -3.79 20.73 2.12
CA PRO A 160 -3.46 19.73 1.08
C PRO A 160 -2.16 20.04 0.33
N MET A 161 -1.77 21.32 0.28
CA MET A 161 -0.49 21.74 -0.31
CA MET A 161 -0.51 21.71 -0.33
C MET A 161 0.70 21.27 0.51
N ARG A 162 0.46 20.95 1.77
CA ARG A 162 1.55 20.44 2.63
C ARG A 162 1.60 18.91 2.64
N ILE A 163 0.58 18.26 2.09
CA ILE A 163 0.55 16.80 2.09
C ILE A 163 1.46 16.29 0.99
N ASN A 164 2.32 15.33 1.33
CA ASN A 164 3.22 14.71 0.37
C ASN A 164 2.63 13.35 -0.07
N ASP A 165 1.89 12.74 0.83
CA ASP A 165 1.41 11.37 0.67
C ASP A 165 -0.11 11.33 0.78
N PHE A 166 -0.76 11.29 -0.38
CA PHE A 166 -2.20 11.36 -0.43
C PHE A 166 -2.87 10.02 -0.13
N ALA A 167 -2.08 9.01 0.23
CA ALA A 167 -2.69 7.82 0.83
C ALA A 167 -3.31 8.24 2.16
N LYS A 168 -2.76 9.31 2.75
CA LYS A 168 -3.23 9.80 4.04
C LYS A 168 -4.11 11.03 3.86
N PHE A 169 -5.10 10.90 2.99
CA PHE A 169 -6.02 11.99 2.70
C PHE A 169 -7.36 11.36 2.31
N GLY A 170 -8.47 11.89 2.81
CA GLY A 170 -9.75 11.31 2.44
C GLY A 170 -10.88 11.98 3.19
N PHE A 171 -12.10 11.48 2.99
CA PHE A 171 -13.27 12.05 3.64
C PHE A 171 -13.34 11.63 5.10
N THR A 172 -13.68 12.60 5.96
CA THR A 172 -13.70 12.40 7.39
C THR A 172 -14.53 11.19 7.80
N GLU A 173 -15.72 11.06 7.22
CA GLU A 173 -16.65 9.97 7.56
C GLU A 173 -16.10 8.57 7.26
N VAL A 174 -15.22 8.50 6.26
CA VAL A 174 -14.62 7.24 5.85
C VAL A 174 -13.38 6.92 6.68
N LEU A 175 -12.51 7.92 6.87
CA LEU A 175 -11.30 7.74 7.65
C LEU A 175 -11.61 7.49 9.12
N PHE A 176 -12.65 8.15 9.62
CA PHE A 176 -13.03 8.08 11.03
C PHE A 176 -14.52 7.82 11.21
N PRO A 177 -14.95 6.57 11.01
CA PRO A 177 -16.37 6.21 11.16
C PRO A 177 -16.77 6.07 12.62
N ILE B 10 12.18 6.39 16.97
CA ILE B 10 12.42 5.30 16.04
C ILE B 10 11.09 4.70 15.59
N ARG B 11 10.82 4.79 14.29
CA ARG B 11 9.55 4.30 13.77
C ARG B 11 9.53 2.79 13.56
N GLU B 12 8.33 2.23 13.68
CA GLU B 12 8.10 0.81 13.51
C GLU B 12 8.24 0.37 12.05
N ILE B 13 8.89 -0.76 11.85
CA ILE B 13 8.99 -1.34 10.50
C ILE B 13 7.78 -2.23 10.28
N LEU B 14 7.04 -1.97 9.21
CA LEU B 14 5.87 -2.79 8.87
C LEU B 14 6.30 -4.20 8.46
N LYS B 15 5.47 -5.18 8.76
CA LYS B 15 5.82 -6.58 8.45
C LYS B 15 4.98 -7.13 7.29
N MET B 16 5.55 -8.08 6.57
CA MET B 16 4.89 -8.64 5.40
C MET B 16 3.45 -9.09 5.73
N GLY B 17 2.51 -8.71 4.86
CA GLY B 17 1.10 -8.89 5.16
C GLY B 17 0.42 -7.54 5.26
N ASP B 18 1.19 -6.51 5.62
CA ASP B 18 0.62 -5.17 5.75
C ASP B 18 0.34 -4.61 4.36
N PRO B 19 -0.89 -4.14 4.13
CA PRO B 19 -1.18 -3.61 2.78
C PRO B 19 -0.27 -2.44 2.34
N ARG B 20 0.32 -1.70 3.28
CA ARG B 20 1.15 -0.54 2.93
C ARG B 20 2.47 -0.93 2.25
N LEU B 21 2.86 -2.20 2.40
CA LEU B 21 4.05 -2.74 1.72
C LEU B 21 3.79 -3.14 0.26
N LEU B 22 2.53 -3.04 -0.16
CA LEU B 22 2.08 -3.52 -1.48
C LEU B 22 1.63 -2.41 -2.45
N ARG B 23 2.08 -1.19 -2.19
CA ARG B 23 1.63 -0.03 -2.95
C ARG B 23 2.71 0.54 -3.86
N ILE B 24 2.29 1.40 -4.80
CA ILE B 24 3.20 2.16 -5.64
C ILE B 24 3.51 3.51 -4.98
N ALA B 25 4.77 3.76 -4.64
CA ALA B 25 5.11 5.01 -3.92
C ALA B 25 5.06 6.22 -4.87
N ASP B 26 4.68 7.38 -4.34
CA ASP B 26 4.65 8.63 -5.09
C ASP B 26 5.98 9.39 -5.05
N PRO B 27 6.29 10.13 -6.12
CA PRO B 27 7.53 10.91 -6.10
C PRO B 27 7.52 12.03 -5.04
N VAL B 28 8.71 12.35 -4.55
CA VAL B 28 8.89 13.54 -3.72
C VAL B 28 8.79 14.75 -4.63
N ASP B 29 7.99 15.73 -4.24
CA ASP B 29 7.74 16.91 -5.09
C ASP B 29 8.66 18.08 -4.73
N HIS B 30 9.01 18.20 -3.46
CA HIS B 30 9.81 19.33 -2.98
C HIS B 30 10.98 18.88 -2.14
N PHE B 31 12.16 19.38 -2.50
CA PHE B 31 13.39 19.02 -1.84
C PHE B 31 13.81 20.06 -0.82
N ASP B 32 14.72 19.66 0.07
CA ASP B 32 15.26 20.56 1.09
C ASP B 32 14.17 21.15 1.98
N THR B 33 13.22 20.31 2.39
CA THR B 33 12.15 20.75 3.30
C THR B 33 12.41 20.12 4.66
N PRO B 34 11.96 20.79 5.74
CA PRO B 34 12.14 20.23 7.08
C PRO B 34 11.49 18.85 7.23
N GLU B 35 10.35 18.65 6.59
CA GLU B 35 9.68 17.35 6.70
C GLU B 35 10.47 16.26 5.97
N LEU B 36 11.10 16.59 4.85
CA LEU B 36 11.91 15.59 4.16
C LEU B 36 13.17 15.27 4.97
N HIS B 37 13.79 16.29 5.55
CA HIS B 37 14.96 16.06 6.40
C HIS B 37 14.61 15.19 7.60
N GLU B 38 13.45 15.41 8.19
CA GLU B 38 12.99 14.59 9.33
C GLU B 38 12.72 13.15 8.90
N LEU B 39 12.11 12.98 7.73
CA LEU B 39 11.88 11.63 7.20
C LEU B 39 13.20 10.88 7.07
N VAL B 40 14.19 11.53 6.46
CA VAL B 40 15.50 10.90 6.26
C VAL B 40 16.19 10.58 7.58
N LYS B 41 16.13 11.52 8.54
CA LYS B 41 16.71 11.28 9.86
C LYS B 41 16.02 10.12 10.55
N ASP B 42 14.67 10.09 10.49
CA ASP B 42 13.91 9.00 11.09
C ASP B 42 14.25 7.65 10.44
N MET B 43 14.41 7.65 9.12
CA MET B 43 14.69 6.40 8.41
C MET B 43 16.05 5.86 8.82
N PHE B 44 17.06 6.73 8.92
CA PHE B 44 18.37 6.28 9.33
C PHE B 44 18.36 5.73 10.76
N GLU B 45 17.62 6.37 11.65
CA GLU B 45 17.50 5.90 13.03
C GLU B 45 16.85 4.51 13.04
N THR B 46 15.81 4.36 12.25
CA THR B 46 15.12 3.08 12.17
C THR B 46 16.02 2.01 11.59
N MET B 47 16.72 2.33 10.50
CA MET B 47 17.63 1.39 9.84
C MET B 47 18.78 0.97 10.74
N HIS B 48 19.44 1.94 11.38
CA HIS B 48 20.57 1.66 12.25
C HIS B 48 20.12 0.82 13.45
N ASP B 49 18.97 1.17 14.01
CA ASP B 49 18.42 0.42 15.13
C ASP B 49 18.17 -1.05 14.80
N ALA B 50 17.84 -1.34 13.54
CA ALA B 50 17.53 -2.71 13.13
C ALA B 50 18.73 -3.41 12.49
N ASN B 51 19.88 -2.75 12.52
CA ASN B 51 21.11 -3.25 11.90
C ASN B 51 20.92 -3.56 10.41
N GLY B 52 20.18 -2.70 9.72
CA GLY B 52 19.88 -2.89 8.32
C GLY B 52 20.90 -2.30 7.37
N ALA B 53 20.96 -2.84 6.15
CA ALA B 53 21.85 -2.28 5.13
C ALA B 53 21.10 -1.28 4.25
N GLY B 54 19.78 -1.21 4.41
CA GLY B 54 18.97 -0.31 3.63
C GLY B 54 17.57 -0.20 4.20
N LEU B 55 16.80 0.79 3.74
CA LEU B 55 15.43 0.97 4.18
C LEU B 55 14.68 1.82 3.16
N ALA B 56 13.41 1.50 2.96
CA ALA B 56 12.56 2.22 2.02
C ALA B 56 11.41 2.87 2.79
N ALA B 57 11.03 4.08 2.40
CA ALA B 57 9.99 4.80 3.14
C ALA B 57 8.68 4.00 3.36
N PRO B 58 8.22 3.22 2.36
CA PRO B 58 7.00 2.44 2.64
C PRO B 58 7.13 1.47 3.82
N GLN B 59 8.34 1.04 4.13
CA GLN B 59 8.54 0.14 5.27
C GLN B 59 8.22 0.82 6.61
N ILE B 60 8.18 2.15 6.64
CA ILE B 60 7.67 2.79 7.84
C ILE B 60 6.35 3.52 7.57
N GLY B 61 5.63 3.11 6.53
CA GLY B 61 4.29 3.62 6.28
C GLY B 61 4.23 4.95 5.54
N VAL B 62 5.33 5.32 4.91
CA VAL B 62 5.39 6.58 4.18
C VAL B 62 5.48 6.22 2.70
N ASN B 63 4.42 6.54 1.95
CA ASN B 63 4.33 6.02 0.58
C ASN B 63 5.04 6.93 -0.42
N LEU B 64 6.31 7.20 -0.17
CA LEU B 64 7.09 8.13 -1.01
C LEU B 64 8.35 7.46 -1.55
N GLN B 65 8.82 7.94 -2.70
CA GLN B 65 9.97 7.33 -3.37
C GLN B 65 11.26 7.76 -2.71
N VAL B 66 11.48 7.25 -1.51
CA VAL B 66 12.69 7.56 -0.76
C VAL B 66 13.30 6.26 -0.24
N VAL B 67 14.56 6.02 -0.56
CA VAL B 67 15.28 4.90 0.04
C VAL B 67 16.62 5.36 0.57
N ILE B 68 17.11 4.63 1.57
CA ILE B 68 18.44 4.86 2.09
C ILE B 68 19.16 3.53 2.15
N PHE B 69 20.48 3.57 2.07
CA PHE B 69 21.28 2.37 2.17
C PHE B 69 22.73 2.77 2.47
N GLY B 70 23.54 1.82 2.91
CA GLY B 70 24.90 2.18 3.24
C GLY B 70 25.34 1.61 4.57
N PHE B 71 26.53 1.02 4.58
CA PHE B 71 27.08 0.44 5.80
C PHE B 71 28.60 0.46 5.73
N GLY B 72 29.25 0.67 6.86
CA GLY B 72 30.70 0.73 6.92
C GLY B 72 31.31 -0.66 7.07
N ALA B 80 32.27 -8.99 1.93
CA ALA B 80 31.36 -7.99 1.37
C ALA B 80 31.92 -6.58 1.53
N PRO B 81 31.86 -5.79 0.44
CA PRO B 81 32.39 -4.43 0.36
C PRO B 81 31.43 -3.37 0.91
N PRO B 82 31.96 -2.33 1.55
CA PRO B 82 31.13 -1.24 2.06
C PRO B 82 30.34 -0.54 0.96
N VAL B 83 29.08 -0.23 1.26
CA VAL B 83 28.21 0.53 0.37
C VAL B 83 28.12 1.95 0.92
N PRO B 84 28.30 2.95 0.04
CA PRO B 84 28.31 4.31 0.60
C PRO B 84 26.96 4.70 1.17
N GLU B 85 26.97 5.37 2.32
CA GLU B 85 25.75 5.75 2.98
C GLU B 85 25.05 6.78 2.10
N THR B 86 23.81 6.47 1.72
CA THR B 86 23.15 7.18 0.64
C THR B 86 21.67 7.44 0.87
N VAL B 87 21.24 8.64 0.52
CA VAL B 87 19.82 8.93 0.39
C VAL B 87 19.50 9.05 -1.10
N LEU B 88 18.57 8.22 -1.56
CA LEU B 88 18.25 8.17 -2.98
C LEU B 88 16.76 8.39 -3.16
N ILE B 89 16.41 9.48 -3.83
CA ILE B 89 15.00 9.87 -3.93
C ILE B 89 14.54 9.88 -5.38
N ASN B 90 13.31 9.47 -5.62
CA ASN B 90 12.75 9.37 -6.98
C ASN B 90 13.69 8.59 -7.91
N PRO B 91 14.06 7.38 -7.52
CA PRO B 91 15.11 6.68 -8.27
C PRO B 91 14.64 6.04 -9.55
N THR B 92 15.56 5.89 -10.50
CA THR B 92 15.35 5.00 -11.64
C THR B 92 16.57 4.10 -11.74
N ILE B 93 16.36 2.86 -12.18
CA ILE B 93 17.45 1.92 -12.35
C ILE B 93 17.52 1.46 -13.80
N THR B 94 18.71 1.50 -14.37
CA THR B 94 18.95 1.02 -15.71
C THR B 94 20.05 -0.01 -15.70
N PRO B 95 19.71 -1.28 -16.03
CA PRO B 95 20.74 -2.30 -16.13
C PRO B 95 21.74 -1.91 -17.20
N VAL B 96 23.04 -2.05 -16.93
CA VAL B 96 24.04 -1.76 -17.92
C VAL B 96 24.10 -2.95 -18.90
N SER B 97 23.88 -4.15 -18.37
CA SER B 97 23.76 -5.35 -19.18
C SER B 97 22.64 -6.22 -18.64
N GLN B 98 22.32 -7.29 -19.35
CA GLN B 98 21.25 -8.17 -18.89
C GLN B 98 21.80 -9.26 -17.95
N ASP B 99 23.08 -9.20 -17.61
CA ASP B 99 23.69 -10.19 -16.74
C ASP B 99 23.05 -10.21 -15.36
N MET B 100 22.73 -11.40 -14.85
CA MET B 100 22.13 -11.49 -13.53
C MET B 100 22.84 -12.48 -12.64
N GLU B 101 22.70 -12.34 -11.33
CA GLU B 101 23.35 -13.25 -10.41
C GLU B 101 22.43 -13.55 -9.23
N GLU B 102 22.43 -14.80 -8.79
CA GLU B 102 21.61 -15.21 -7.66
C GLU B 102 22.30 -14.88 -6.33
N GLY B 103 21.52 -14.44 -5.34
CA GLY B 103 22.07 -14.15 -4.03
C GLY B 103 21.04 -14.26 -2.92
N TRP B 104 21.51 -14.50 -1.70
CA TRP B 104 20.60 -14.63 -0.57
C TRP B 104 20.16 -13.24 -0.11
N GLU B 105 18.86 -13.09 0.13
CA GLU B 105 18.36 -11.82 0.64
C GLU B 105 17.50 -12.08 1.86
N GLY B 106 17.50 -11.10 2.77
CA GLY B 106 16.56 -11.02 3.86
C GLY B 106 16.01 -9.60 3.84
N CYS B 107 14.96 -9.36 4.62
CA CYS B 107 14.28 -8.07 4.63
C CYS B 107 13.80 -7.82 6.05
N LEU B 108 13.94 -6.59 6.53
CA LEU B 108 13.46 -6.23 7.86
C LEU B 108 11.94 -6.38 7.96
N SER B 109 11.23 -6.29 6.83
CA SER B 109 9.79 -6.49 6.84
C SER B 109 9.43 -8.00 6.78
N VAL B 110 10.44 -8.84 6.61
CA VAL B 110 10.24 -10.31 6.57
C VAL B 110 11.18 -11.01 7.55
N PRO B 111 11.02 -10.73 8.85
CA PRO B 111 12.01 -11.23 9.83
C PRO B 111 12.06 -12.74 9.91
N GLY B 112 13.27 -13.31 10.05
CA GLY B 112 13.47 -14.72 10.30
C GLY B 112 13.64 -15.59 9.07
N LEU B 113 13.47 -14.98 7.89
CA LEU B 113 13.53 -15.72 6.64
CA LEU B 113 13.53 -15.72 6.63
C LEU B 113 14.66 -15.23 5.72
N ARG B 114 15.09 -16.12 4.81
CA ARG B 114 16.00 -15.77 3.72
C ARG B 114 15.53 -16.47 2.45
N GLY B 115 15.77 -15.84 1.31
CA GLY B 115 15.50 -16.46 0.02
C GLY B 115 16.53 -16.06 -1.03
N ALA B 116 16.75 -16.94 -2.01
CA ALA B 116 17.65 -16.66 -3.12
C ALA B 116 16.92 -15.91 -4.22
N VAL B 117 17.49 -14.79 -4.63
CA VAL B 117 16.88 -13.88 -5.60
C VAL B 117 17.88 -13.54 -6.71
N SER B 118 17.44 -13.58 -7.95
CA SER B 118 18.26 -13.11 -9.06
C SER B 118 18.16 -11.60 -9.21
N ARG B 119 19.30 -10.92 -9.32
CA ARG B 119 19.34 -9.47 -9.51
C ARG B 119 20.33 -9.15 -10.61
N PHE B 120 20.17 -8.00 -11.25
CA PHE B 120 21.15 -7.55 -12.22
C PHE B 120 22.51 -7.36 -11.53
N SER B 121 23.56 -7.84 -12.18
CA SER B 121 24.91 -7.78 -11.65
C SER B 121 25.47 -6.34 -11.66
N MET B 122 25.05 -5.55 -12.64
CA MET B 122 25.56 -4.20 -12.78
C MET B 122 24.48 -3.27 -13.28
N ILE B 123 24.30 -2.17 -12.57
CA ILE B 123 23.26 -1.21 -12.88
C ILE B 123 23.79 0.21 -12.84
N LYS B 124 23.11 1.12 -13.55
CA LYS B 124 23.25 2.53 -13.28
C LYS B 124 21.97 2.95 -12.57
N TYR B 125 22.10 3.79 -11.57
CA TYR B 125 20.89 4.33 -10.97
C TYR B 125 21.01 5.82 -10.86
N HIS B 126 19.86 6.45 -10.95
CA HIS B 126 19.74 7.88 -10.97
C HIS B 126 18.69 8.29 -9.96
N GLY B 127 18.92 9.44 -9.33
CA GLY B 127 17.97 9.97 -8.39
C GLY B 127 18.52 11.24 -7.81
N PHE B 128 18.02 11.61 -6.64
CA PHE B 128 18.38 12.87 -5.98
C PHE B 128 18.59 12.66 -4.49
N ASP B 129 19.45 13.48 -3.88
CA ASP B 129 19.57 13.48 -2.44
C ASP B 129 18.48 14.37 -1.84
N GLN B 130 18.46 14.52 -0.52
CA GLN B 130 17.41 15.28 0.13
C GLN B 130 17.48 16.79 -0.15
N TYR B 131 18.57 17.26 -0.76
CA TYR B 131 18.72 18.67 -1.14
C TYR B 131 18.39 18.92 -2.59
N GLY B 132 18.04 17.85 -3.31
CA GLY B 132 17.68 17.95 -4.71
C GLY B 132 18.85 17.87 -5.66
N LYS B 133 20.02 17.52 -5.15
CA LYS B 133 21.20 17.34 -6.01
C LYS B 133 21.15 15.97 -6.70
N PRO B 134 21.45 15.93 -8.00
CA PRO B 134 21.36 14.65 -8.73
C PRO B 134 22.39 13.63 -8.26
N ILE B 135 21.99 12.37 -8.28
CA ILE B 135 22.86 11.24 -8.01
C ILE B 135 22.82 10.33 -9.22
N ASP B 136 23.98 10.02 -9.77
CA ASP B 136 24.08 9.12 -10.91
C ASP B 136 25.28 8.23 -10.68
N ARG B 137 25.01 6.93 -10.48
CA ARG B 137 26.08 6.01 -10.09
C ARG B 137 25.99 4.68 -10.82
N VAL B 138 27.14 4.03 -10.95
CA VAL B 138 27.19 2.63 -11.36
C VAL B 138 27.48 1.78 -10.15
N ALA B 139 26.68 0.72 -9.97
CA ALA B 139 26.84 -0.17 -8.83
C ALA B 139 26.90 -1.60 -9.33
N GLU B 140 27.62 -2.45 -8.60
CA GLU B 140 27.72 -3.87 -8.94
C GLU B 140 27.58 -4.68 -7.67
N GLY B 141 27.42 -5.98 -7.80
CA GLY B 141 27.41 -6.86 -6.64
C GLY B 141 26.40 -6.48 -5.57
N PHE B 142 26.84 -6.53 -4.31
CA PHE B 142 25.95 -6.31 -3.18
C PHE B 142 25.33 -4.91 -3.23
N HIS B 143 26.14 -3.92 -3.57
CA HIS B 143 25.67 -2.54 -3.73
C HIS B 143 24.47 -2.47 -4.69
N ALA B 144 24.63 -3.05 -5.87
CA ALA B 144 23.54 -3.09 -6.84
C ALA B 144 22.34 -3.87 -6.31
N ARG B 145 22.62 -4.96 -5.59
CA ARG B 145 21.55 -5.78 -5.03
C ARG B 145 20.68 -4.99 -4.06
N VAL B 146 21.33 -4.28 -3.15
CA VAL B 146 20.62 -3.48 -2.15
C VAL B 146 19.74 -2.44 -2.83
N VAL B 147 20.27 -1.75 -3.83
CA VAL B 147 19.52 -0.69 -4.49
C VAL B 147 18.28 -1.28 -5.19
N GLN B 148 18.44 -2.41 -5.87
CA GLN B 148 17.29 -3.07 -6.50
C GLN B 148 16.28 -3.51 -5.45
N HIS B 149 16.78 -4.11 -4.38
CA HIS B 149 15.93 -4.55 -3.27
C HIS B 149 15.12 -3.38 -2.73
N GLU B 150 15.78 -2.26 -2.44
CA GLU B 150 15.07 -1.11 -1.86
C GLU B 150 14.10 -0.49 -2.83
N CYS B 151 14.52 -0.34 -4.09
CA CYS B 151 13.64 0.26 -5.08
C CYS B 151 12.42 -0.62 -5.34
N ASP B 152 12.57 -1.95 -5.23
CA ASP B 152 11.40 -2.84 -5.34
C ASP B 152 10.30 -2.47 -4.32
N HIS B 153 10.69 -2.08 -3.12
CA HIS B 153 9.69 -1.65 -2.14
C HIS B 153 8.81 -0.53 -2.66
N LEU B 154 9.39 0.32 -3.50
CA LEU B 154 8.68 1.51 -3.97
C LEU B 154 7.62 1.15 -4.98
N ILE B 155 7.65 -0.08 -5.50
CA ILE B 155 6.60 -0.52 -6.40
C ILE B 155 5.85 -1.71 -5.80
N GLY B 156 5.86 -1.79 -4.48
CA GLY B 156 5.03 -2.76 -3.79
C GLY B 156 5.52 -4.19 -3.91
N LYS B 157 6.82 -4.37 -4.13
CA LYS B 157 7.39 -5.70 -4.27
C LYS B 157 8.27 -6.04 -3.08
N LEU B 158 7.99 -7.19 -2.47
CA LEU B 158 8.86 -7.77 -1.45
C LEU B 158 9.63 -8.94 -2.09
N TYR B 159 10.80 -9.31 -1.57
CA TYR B 159 11.66 -10.25 -2.31
C TYR B 159 11.04 -11.65 -2.56
N PRO B 160 10.13 -12.17 -1.69
CA PRO B 160 9.52 -13.45 -2.07
C PRO B 160 8.78 -13.37 -3.41
N MET B 161 8.33 -12.17 -3.77
CA MET B 161 7.69 -11.96 -5.07
C MET B 161 8.66 -12.15 -6.25
N ARG B 162 9.96 -12.01 -5.97
CA ARG B 162 11.01 -12.19 -6.98
C ARG B 162 11.59 -13.61 -7.01
N ILE B 163 11.29 -14.42 -6.01
CA ILE B 163 11.82 -15.80 -5.98
C ILE B 163 11.11 -16.70 -6.99
N ASN B 164 11.88 -17.44 -7.79
CA ASN B 164 11.32 -18.40 -8.73
C ASN B 164 11.35 -19.84 -8.21
N ASP B 165 12.29 -20.09 -7.29
CA ASP B 165 12.55 -21.45 -6.80
C ASP B 165 12.49 -21.49 -5.28
N PHE B 166 11.38 -21.95 -4.74
CA PHE B 166 11.23 -21.91 -3.29
C PHE B 166 11.94 -23.05 -2.54
N ALA B 167 12.66 -23.89 -3.27
CA ALA B 167 13.63 -24.78 -2.60
C ALA B 167 14.71 -23.89 -1.95
N LYS B 168 14.89 -22.69 -2.47
CA LYS B 168 15.90 -21.75 -1.94
C LYS B 168 15.24 -20.66 -1.10
N PHE B 169 14.41 -21.08 -0.14
CA PHE B 169 13.69 -20.16 0.73
C PHE B 169 13.47 -20.87 2.06
N GLY B 170 13.66 -20.17 3.17
CA GLY B 170 13.45 -20.83 4.45
C GLY B 170 13.85 -19.97 5.61
N PHE B 171 13.77 -20.55 6.81
CA PHE B 171 14.15 -19.82 8.02
C PHE B 171 15.66 -19.75 8.16
N THR B 172 16.13 -18.55 8.49
CA THR B 172 17.55 -18.25 8.58
C THR B 172 18.32 -19.23 9.44
N GLU B 173 17.77 -19.52 10.61
CA GLU B 173 18.39 -20.42 11.58
C GLU B 173 18.54 -21.85 11.03
N VAL B 174 17.66 -22.24 10.12
CA VAL B 174 17.70 -23.59 9.55
C VAL B 174 18.62 -23.64 8.34
N LEU B 175 18.50 -22.65 7.46
CA LEU B 175 19.35 -22.56 6.29
C LEU B 175 20.81 -22.33 6.64
N PHE B 176 21.05 -21.54 7.69
CA PHE B 176 22.41 -21.19 8.04
C PHE B 176 22.65 -21.42 9.53
N PRO B 177 22.83 -22.68 9.91
CA PRO B 177 23.09 -23.07 11.30
C PRO B 177 24.55 -22.83 11.71
N ILE C 10 -26.93 -1.95 -8.30
CA ILE C 10 -26.05 -0.80 -8.11
C ILE C 10 -25.34 -0.86 -6.76
N ARG C 11 -24.03 -1.06 -6.81
CA ARG C 11 -23.20 -1.13 -5.60
C ARG C 11 -22.75 0.26 -5.15
N GLU C 12 -22.46 0.41 -3.86
CA GLU C 12 -21.99 1.71 -3.38
C GLU C 12 -20.59 1.95 -3.91
N ILE C 13 -20.32 3.20 -4.29
CA ILE C 13 -19.00 3.59 -4.72
C ILE C 13 -18.16 3.99 -3.51
N LEU C 14 -17.01 3.35 -3.36
CA LEU C 14 -16.12 3.69 -2.24
C LEU C 14 -15.56 5.11 -2.39
N LYS C 15 -15.38 5.79 -1.26
CA LYS C 15 -14.89 7.17 -1.25
C LYS C 15 -13.46 7.21 -0.74
N MET C 16 -12.71 8.21 -1.21
CA MET C 16 -11.32 8.34 -0.84
C MET C 16 -11.15 8.32 0.68
N GLY C 17 -10.16 7.58 1.15
CA GLY C 17 -9.99 7.29 2.57
C GLY C 17 -10.15 5.80 2.83
N ASP C 18 -10.91 5.11 1.99
CA ASP C 18 -11.08 3.66 2.10
C ASP C 18 -9.81 2.98 1.61
N PRO C 19 -9.21 2.11 2.44
CA PRO C 19 -7.96 1.47 2.03
C PRO C 19 -8.09 0.64 0.77
N ARG C 20 -9.30 0.20 0.44
CA ARG C 20 -9.47 -0.66 -0.72
C ARG C 20 -9.20 0.08 -2.01
N LEU C 21 -9.25 1.42 -1.98
CA LEU C 21 -8.98 2.22 -3.16
C LEU C 21 -7.48 2.38 -3.40
N LEU C 22 -6.68 1.92 -2.45
CA LEU C 22 -5.25 2.13 -2.50
C LEU C 22 -4.52 0.83 -2.84
N ARG C 23 -5.25 -0.19 -3.29
CA ARG C 23 -4.63 -1.50 -3.49
C ARG C 23 -4.24 -1.66 -4.94
N ILE C 24 -3.29 -2.55 -5.19
CA ILE C 24 -2.99 -2.91 -6.56
C ILE C 24 -3.84 -4.12 -6.94
N ALA C 25 -4.69 -3.96 -7.95
CA ALA C 25 -5.68 -4.97 -8.32
C ALA C 25 -5.07 -6.23 -8.97
N ASP C 26 -5.73 -7.37 -8.76
CA ASP C 26 -5.26 -8.64 -9.34
C ASP C 26 -5.73 -8.82 -10.77
N PRO C 27 -4.93 -9.46 -11.62
CA PRO C 27 -5.37 -9.72 -13.00
C PRO C 27 -6.52 -10.71 -13.04
N VAL C 28 -7.41 -10.60 -14.02
CA VAL C 28 -8.44 -11.61 -14.24
C VAL C 28 -7.80 -12.83 -14.90
N ASP C 29 -8.07 -14.02 -14.34
CA ASP C 29 -7.44 -15.26 -14.81
C ASP C 29 -8.32 -15.99 -15.82
N HIS C 30 -9.62 -15.87 -15.67
CA HIS C 30 -10.54 -16.62 -16.51
C HIS C 30 -11.59 -15.70 -17.09
N PHE C 31 -11.72 -15.77 -18.41
CA PHE C 31 -12.63 -14.93 -19.16
C PHE C 31 -13.91 -15.67 -19.52
N ASP C 32 -14.93 -14.92 -19.90
CA ASP C 32 -16.21 -15.46 -20.35
C ASP C 32 -16.85 -16.36 -19.29
N THR C 33 -16.76 -15.93 -18.03
CA THR C 33 -17.37 -16.64 -16.93
C THR C 33 -18.58 -15.86 -16.44
N PRO C 34 -19.58 -16.55 -15.89
CA PRO C 34 -20.77 -15.85 -15.40
C PRO C 34 -20.46 -14.79 -14.35
N GLU C 35 -19.48 -15.04 -13.49
CA GLU C 35 -19.14 -14.11 -12.44
C GLU C 35 -18.51 -12.83 -13.00
N LEU C 36 -17.71 -12.97 -14.06
CA LEU C 36 -17.12 -11.80 -14.70
C LEU C 36 -18.21 -11.00 -15.42
N HIS C 37 -19.12 -11.71 -16.09
CA HIS C 37 -20.23 -11.04 -16.75
C HIS C 37 -21.06 -10.27 -15.73
N GLU C 38 -21.24 -10.87 -14.55
CA GLU C 38 -21.98 -10.23 -13.48
C GLU C 38 -21.24 -9.00 -12.98
N LEU C 39 -19.92 -9.11 -12.85
CA LEU C 39 -19.10 -7.98 -12.43
C LEU C 39 -19.28 -6.81 -13.39
N VAL C 40 -19.19 -7.10 -14.69
CA VAL C 40 -19.31 -6.08 -15.71
C VAL C 40 -20.69 -5.43 -15.69
N LYS C 41 -21.73 -6.25 -15.55
CA LYS C 41 -23.10 -5.74 -15.50
C LYS C 41 -23.30 -4.83 -14.30
N ASP C 42 -22.82 -5.26 -13.14
CA ASP C 42 -22.93 -4.46 -11.91
C ASP C 42 -22.22 -3.12 -12.05
N MET C 43 -21.05 -3.14 -12.70
CA MET C 43 -20.26 -1.94 -12.90
C MET C 43 -20.98 -0.94 -13.83
N PHE C 44 -21.56 -1.44 -14.92
CA PHE C 44 -22.29 -0.55 -15.83
C PHE C 44 -23.50 0.06 -15.14
N GLU C 45 -24.18 -0.74 -14.32
CA GLU C 45 -25.33 -0.26 -13.56
C GLU C 45 -24.92 0.86 -12.62
N THR C 46 -23.82 0.65 -11.92
CA THR C 46 -23.31 1.63 -10.97
C THR C 46 -22.87 2.91 -11.68
N MET C 47 -22.13 2.75 -12.78
CA MET C 47 -21.62 3.89 -13.55
C MET C 47 -22.73 4.75 -14.15
N HIS C 48 -23.68 4.10 -14.81
CA HIS C 48 -24.78 4.82 -15.46
C HIS C 48 -25.61 5.54 -14.40
N ASP C 49 -25.85 4.88 -13.27
CA ASP C 49 -26.61 5.48 -12.18
C ASP C 49 -25.96 6.75 -11.66
N ALA C 50 -24.63 6.80 -11.71
CA ALA C 50 -23.89 7.95 -11.21
C ALA C 50 -23.52 8.93 -12.33
N ASN C 51 -23.98 8.63 -13.55
CA ASN C 51 -23.65 9.42 -14.73
C ASN C 51 -22.14 9.58 -14.93
N GLY C 52 -21.39 8.51 -14.73
CA GLY C 52 -19.95 8.55 -14.88
C GLY C 52 -19.51 8.26 -16.29
N ALA C 53 -18.30 8.70 -16.65
CA ALA C 53 -17.74 8.40 -17.96
C ALA C 53 -16.91 7.12 -17.90
N GLY C 54 -16.70 6.62 -16.69
CA GLY C 54 -15.91 5.40 -16.47
C GLY C 54 -16.06 4.86 -15.07
N LEU C 55 -15.57 3.66 -14.82
CA LEU C 55 -15.56 3.06 -13.50
C LEU C 55 -14.55 1.92 -13.43
N ALA C 56 -13.89 1.79 -12.29
CA ALA C 56 -12.91 0.72 -12.10
C ALA C 56 -13.41 -0.20 -11.00
N ALA C 57 -13.17 -1.50 -11.14
CA ALA C 57 -13.69 -2.48 -10.18
C ALA C 57 -13.31 -2.18 -8.72
N PRO C 58 -12.08 -1.72 -8.45
CA PRO C 58 -11.79 -1.38 -7.05
C PRO C 58 -12.72 -0.31 -6.47
N GLN C 59 -13.36 0.51 -7.32
CA GLN C 59 -14.25 1.53 -6.79
C GLN C 59 -15.53 0.95 -6.17
N ILE C 60 -15.87 -0.28 -6.52
CA ILE C 60 -16.97 -0.97 -5.84
C ILE C 60 -16.43 -2.13 -5.00
N GLY C 61 -15.17 -2.03 -4.62
CA GLY C 61 -14.58 -2.95 -3.65
C GLY C 61 -14.13 -4.28 -4.20
N VAL C 62 -13.97 -4.36 -5.52
CA VAL C 62 -13.56 -5.61 -6.16
C VAL C 62 -12.14 -5.46 -6.71
N ASN C 63 -11.20 -6.23 -6.16
CA ASN C 63 -9.78 -6.00 -6.43
C ASN C 63 -9.26 -6.69 -7.70
N LEU C 64 -9.93 -6.40 -8.82
CA LEU C 64 -9.60 -6.99 -10.11
C LEU C 64 -9.32 -5.92 -11.16
N GLN C 65 -8.46 -6.26 -12.11
CA GLN C 65 -8.07 -5.32 -13.16
C GLN C 65 -9.16 -5.24 -14.23
N VAL C 66 -10.27 -4.62 -13.86
CA VAL C 66 -11.40 -4.43 -14.75
C VAL C 66 -11.83 -2.98 -14.70
N VAL C 67 -11.85 -2.33 -15.87
CA VAL C 67 -12.41 -0.98 -15.94
C VAL C 67 -13.40 -0.92 -17.10
N ILE C 68 -14.37 -0.03 -16.96
CA ILE C 68 -15.28 0.26 -18.06
C ILE C 68 -15.30 1.77 -18.28
N PHE C 69 -15.59 2.19 -19.50
CA PHE C 69 -15.67 3.60 -19.81
C PHE C 69 -16.39 3.79 -21.14
N GLY C 70 -16.82 5.00 -21.44
CA GLY C 70 -17.52 5.23 -22.69
C GLY C 70 -18.74 6.08 -22.48
N PHE C 71 -18.84 7.17 -23.23
CA PHE C 71 -19.93 8.14 -23.10
C PHE C 71 -20.18 8.85 -24.42
N GLY C 72 -21.44 9.15 -24.71
CA GLY C 72 -21.80 9.82 -25.95
C GLY C 72 -21.64 11.33 -25.85
N PRO C 81 -15.78 15.03 -25.78
CA PRO C 81 -16.13 14.29 -26.99
C PRO C 81 -16.44 12.81 -26.71
N PRO C 82 -17.07 12.12 -27.68
CA PRO C 82 -17.38 10.69 -27.54
C PRO C 82 -16.17 9.77 -27.31
N VAL C 83 -16.40 8.82 -26.41
CA VAL C 83 -15.47 7.77 -26.03
C VAL C 83 -16.16 6.43 -26.28
N PRO C 84 -15.46 5.47 -26.92
CA PRO C 84 -16.15 4.21 -27.25
C PRO C 84 -16.50 3.43 -26.00
N GLU C 85 -17.69 2.84 -25.97
CA GLU C 85 -18.13 2.05 -24.83
C GLU C 85 -17.24 0.82 -24.76
N THR C 86 -16.57 0.64 -23.63
CA THR C 86 -15.49 -0.36 -23.58
C THR C 86 -15.43 -1.08 -22.25
N VAL C 87 -15.23 -2.39 -22.32
CA VAL C 87 -14.80 -3.16 -21.16
C VAL C 87 -13.34 -3.51 -21.38
N LEU C 88 -12.49 -3.07 -20.45
CA LEU C 88 -11.05 -3.25 -20.59
C LEU C 88 -10.49 -3.99 -19.39
N ILE C 89 -9.92 -5.17 -19.65
CA ILE C 89 -9.44 -6.05 -18.58
C ILE C 89 -7.95 -6.31 -18.71
N ASN C 90 -7.25 -6.37 -17.56
CA ASN C 90 -5.80 -6.58 -17.52
C ASN C 90 -5.04 -5.60 -18.42
N PRO C 91 -5.27 -4.30 -18.26
CA PRO C 91 -4.77 -3.32 -19.22
C PRO C 91 -3.29 -3.00 -19.06
N THR C 92 -2.65 -2.59 -20.14
CA THR C 92 -1.34 -1.95 -20.08
C THR C 92 -1.41 -0.69 -20.91
N ILE C 93 -0.72 0.33 -20.48
CA ILE C 93 -0.70 1.60 -21.19
C ILE C 93 0.73 1.95 -21.56
N THR C 94 0.91 2.30 -22.83
CA THR C 94 2.20 2.75 -23.32
C THR C 94 2.04 4.11 -23.97
N PRO C 95 2.66 5.13 -23.39
CA PRO C 95 2.63 6.46 -23.99
C PRO C 95 3.28 6.45 -25.37
N VAL C 96 2.69 7.16 -26.32
CA VAL C 96 3.28 7.24 -27.65
C VAL C 96 4.41 8.26 -27.64
N SER C 97 4.20 9.36 -26.92
CA SER C 97 5.23 10.37 -26.74
C SER C 97 5.26 10.82 -25.30
N GLN C 98 6.23 11.66 -24.95
CA GLN C 98 6.30 12.21 -23.60
C GLN C 98 5.49 13.48 -23.46
N ASP C 99 4.81 13.88 -24.54
CA ASP C 99 3.98 15.08 -24.47
C ASP C 99 2.84 14.89 -23.48
N MET C 100 2.63 15.90 -22.64
CA MET C 100 1.57 15.82 -21.66
C MET C 100 0.67 17.03 -21.73
N GLU C 101 -0.55 16.86 -21.22
CA GLU C 101 -1.54 17.90 -21.27
C GLU C 101 -2.31 17.96 -19.96
N GLU C 102 -2.53 19.17 -19.46
CA GLU C 102 -3.27 19.38 -18.22
C GLU C 102 -4.77 19.41 -18.53
N GLY C 103 -5.58 18.78 -17.69
CA GLY C 103 -7.02 18.83 -17.88
C GLY C 103 -7.74 18.67 -16.56
N TRP C 104 -8.99 19.13 -16.48
CA TRP C 104 -9.76 19.03 -15.24
C TRP C 104 -10.32 17.62 -15.08
N GLU C 105 -10.19 17.06 -13.88
CA GLU C 105 -10.76 15.75 -13.61
C GLU C 105 -11.57 15.78 -12.33
N GLY C 106 -12.61 14.93 -12.32
CA GLY C 106 -13.31 14.61 -11.10
C GLY C 106 -13.39 13.08 -11.04
N CYS C 107 -13.82 12.56 -9.90
CA CYS C 107 -13.87 11.12 -9.67
C CYS C 107 -15.07 10.83 -8.79
N LEU C 108 -15.81 9.77 -9.09
CA LEU C 108 -16.95 9.37 -8.28
C LEU C 108 -16.53 9.00 -6.86
N SER C 109 -15.26 8.62 -6.68
CA SER C 109 -14.72 8.33 -5.36
C SER C 109 -14.25 9.60 -4.64
N VAL C 110 -14.24 10.74 -5.33
CA VAL C 110 -13.86 12.01 -4.71
C VAL C 110 -14.96 13.04 -4.99
N PRO C 111 -16.18 12.78 -4.49
CA PRO C 111 -17.31 13.64 -4.88
C PRO C 111 -17.13 15.08 -4.43
N GLY C 112 -17.54 16.02 -5.29
CA GLY C 112 -17.60 17.43 -4.94
C GLY C 112 -16.35 18.24 -5.28
N LEU C 113 -15.31 17.55 -5.75
CA LEU C 113 -14.02 18.17 -6.04
CA LEU C 113 -14.03 18.17 -6.03
C LEU C 113 -13.64 18.05 -7.50
N ARG C 114 -12.74 18.93 -7.93
CA ARG C 114 -12.13 18.85 -9.26
C ARG C 114 -10.65 19.17 -9.10
N GLY C 115 -9.82 18.60 -9.97
CA GLY C 115 -8.42 18.99 -9.99
C GLY C 115 -7.82 18.96 -11.38
N ALA C 116 -6.80 19.79 -11.60
CA ALA C 116 -6.07 19.79 -12.86
C ALA C 116 -5.00 18.71 -12.80
N VAL C 117 -5.02 17.80 -13.77
CA VAL C 117 -4.10 16.68 -13.78
C VAL C 117 -3.40 16.63 -15.13
N SER C 118 -2.08 16.47 -15.10
CA SER C 118 -1.32 16.28 -16.31
C SER C 118 -1.37 14.81 -16.69
N ARG C 119 -1.72 14.54 -17.96
CA ARG C 119 -1.79 13.19 -18.50
C ARG C 119 -1.05 13.14 -19.83
N PHE C 120 -0.65 11.96 -20.28
CA PHE C 120 -0.10 11.83 -21.62
C PHE C 120 -1.16 12.18 -22.66
N SER C 121 -0.75 12.94 -23.67
CA SER C 121 -1.64 13.35 -24.76
C SER C 121 -2.03 12.18 -25.64
N MET C 122 -1.14 11.21 -25.80
CA MET C 122 -1.36 10.12 -26.73
C MET C 122 -0.84 8.81 -26.18
N ILE C 123 -1.68 7.78 -26.21
CA ILE C 123 -1.30 6.50 -25.66
C ILE C 123 -1.69 5.37 -26.59
N LYS C 124 -0.99 4.25 -26.44
CA LYS C 124 -1.46 2.97 -26.92
C LYS C 124 -1.92 2.23 -25.69
N TYR C 125 -3.03 1.51 -25.77
CA TYR C 125 -3.37 0.65 -24.66
C TYR C 125 -3.82 -0.72 -25.13
N HIS C 126 -3.57 -1.70 -24.28
CA HIS C 126 -3.81 -3.10 -24.59
C HIS C 126 -4.56 -3.77 -23.45
N GLY C 127 -5.42 -4.73 -23.76
CA GLY C 127 -6.13 -5.47 -22.74
C GLY C 127 -7.07 -6.45 -23.40
N PHE C 128 -8.08 -6.88 -22.64
CA PHE C 128 -9.04 -7.87 -23.13
C PHE C 128 -10.46 -7.50 -22.74
N ASP C 129 -11.45 -7.92 -23.53
CA ASP C 129 -12.83 -7.76 -23.11
C ASP C 129 -13.24 -8.93 -22.21
N GLN C 130 -14.49 -8.94 -21.77
CA GLN C 130 -14.95 -9.97 -20.84
C GLN C 130 -15.03 -11.36 -21.47
N TYR C 131 -14.85 -11.45 -22.79
CA TYR C 131 -14.86 -12.74 -23.49
C TYR C 131 -13.42 -13.19 -23.75
N GLY C 132 -12.46 -12.36 -23.38
CA GLY C 132 -11.06 -12.69 -23.57
C GLY C 132 -10.53 -12.29 -24.93
N LYS C 133 -11.30 -11.53 -25.69
CA LYS C 133 -10.83 -11.04 -26.98
C LYS C 133 -9.92 -9.84 -26.73
N PRO C 134 -8.75 -9.82 -27.39
CA PRO C 134 -7.75 -8.77 -27.18
C PRO C 134 -8.22 -7.40 -27.67
N ILE C 135 -7.79 -6.35 -26.96
CA ILE C 135 -8.06 -4.97 -27.35
C ILE C 135 -6.74 -4.23 -27.49
N ASP C 136 -6.52 -3.65 -28.66
CA ASP C 136 -5.31 -2.89 -28.90
C ASP C 136 -5.70 -1.64 -29.65
N ARG C 137 -5.52 -0.51 -28.97
CA ARG C 137 -6.02 0.77 -29.45
C ARG C 137 -5.00 1.87 -29.27
N VAL C 138 -5.10 2.90 -30.10
CA VAL C 138 -4.40 4.15 -29.89
C VAL C 138 -5.43 5.22 -29.49
N ALA C 139 -5.14 6.01 -28.48
CA ALA C 139 -6.07 7.03 -28.03
C ALA C 139 -5.38 8.37 -27.77
N GLU C 140 -6.13 9.46 -27.91
CA GLU C 140 -5.59 10.78 -27.61
C GLU C 140 -6.61 11.62 -26.85
N GLY C 141 -6.17 12.76 -26.31
CA GLY C 141 -7.07 13.72 -25.68
C GLY C 141 -7.90 13.12 -24.58
N PHE C 142 -9.20 13.44 -24.59
CA PHE C 142 -10.10 12.98 -23.53
C PHE C 142 -10.17 11.45 -23.41
N HIS C 143 -10.27 10.76 -24.54
CA HIS C 143 -10.25 9.28 -24.56
C HIS C 143 -9.04 8.75 -23.80
N ALA C 144 -7.86 9.25 -24.13
CA ALA C 144 -6.63 8.84 -23.47
C ALA C 144 -6.65 9.17 -21.96
N ARG C 145 -7.22 10.33 -21.63
CA ARG C 145 -7.32 10.78 -20.25
C ARG C 145 -8.17 9.82 -19.42
N VAL C 146 -9.32 9.46 -19.97
CA VAL C 146 -10.26 8.57 -19.30
C VAL C 146 -9.61 7.22 -19.01
N VAL C 147 -8.91 6.66 -19.99
CA VAL C 147 -8.25 5.36 -19.82
C VAL C 147 -7.17 5.43 -18.75
N GLN C 148 -6.38 6.51 -18.76
CA GLN C 148 -5.33 6.70 -17.76
C GLN C 148 -5.93 6.86 -16.36
N HIS C 149 -6.97 7.66 -16.26
CA HIS C 149 -7.70 7.84 -15.00
C HIS C 149 -8.21 6.49 -14.46
N GLU C 150 -8.90 5.70 -15.30
CA GLU C 150 -9.45 4.43 -14.83
C GLU C 150 -8.38 3.42 -14.45
N CYS C 151 -7.35 3.32 -15.28
CA CYS C 151 -6.28 2.37 -15.02
C CYS C 151 -5.49 2.74 -13.78
N ASP C 152 -5.39 4.04 -13.48
CA ASP C 152 -4.75 4.47 -12.24
C ASP C 152 -5.43 3.84 -11.02
N HIS C 153 -6.76 3.73 -11.04
CA HIS C 153 -7.47 3.05 -9.95
C HIS C 153 -6.95 1.63 -9.74
N LEU C 154 -6.50 0.99 -10.83
CA LEU C 154 -6.04 -0.40 -10.72
C LEU C 154 -4.69 -0.54 -10.01
N ILE C 155 -3.96 0.58 -9.86
CA ILE C 155 -2.72 0.52 -9.08
C ILE C 155 -2.87 1.40 -7.84
N GLY C 156 -4.11 1.57 -7.41
CA GLY C 156 -4.41 2.20 -6.13
C GLY C 156 -4.19 3.72 -6.14
N LYS C 157 -4.35 4.33 -7.31
CA LYS C 157 -4.15 5.78 -7.46
C LYS C 157 -5.46 6.50 -7.74
N LEU C 158 -5.72 7.54 -6.95
CA LEU C 158 -6.78 8.50 -7.28
C LEU C 158 -6.15 9.80 -7.76
N TYR C 159 -6.88 10.61 -8.51
CA TYR C 159 -6.22 11.72 -9.20
C TYR C 159 -5.53 12.74 -8.25
N PRO C 160 -5.99 12.91 -6.99
CA PRO C 160 -5.17 13.82 -6.15
C PRO C 160 -3.71 13.39 -5.99
N MET C 161 -3.41 12.10 -6.13
CA MET C 161 -2.01 11.66 -6.10
C MET C 161 -1.25 12.19 -7.29
N ARG C 162 -1.96 12.51 -8.37
CA ARG C 162 -1.31 12.95 -9.60
C ARG C 162 -1.23 14.48 -9.73
N ILE C 163 -1.91 15.19 -8.85
CA ILE C 163 -1.93 16.66 -8.94
C ILE C 163 -0.57 17.26 -8.55
N ASN C 164 -0.05 18.15 -9.40
CA ASN C 164 1.20 18.87 -9.09
C ASN C 164 0.95 20.32 -8.63
N ASP C 165 -0.17 20.89 -9.05
CA ASP C 165 -0.44 22.30 -8.77
C ASP C 165 -1.72 22.37 -7.97
N PHE C 166 -1.57 22.48 -6.66
CA PHE C 166 -2.73 22.42 -5.78
C PHE C 166 -3.49 23.74 -5.70
N ALA C 167 -3.02 24.74 -6.43
CA ALA C 167 -3.83 25.94 -6.67
C ALA C 167 -5.01 25.56 -7.54
N LYS C 168 -4.82 24.50 -8.33
CA LYS C 168 -5.83 24.00 -9.24
C LYS C 168 -6.52 22.74 -8.69
N PHE C 169 -6.96 22.82 -7.45
CA PHE C 169 -7.68 21.73 -6.80
C PHE C 169 -8.71 22.43 -5.90
N GLY C 170 -9.95 21.98 -5.94
CA GLY C 170 -10.97 22.64 -5.15
C GLY C 170 -12.37 22.08 -5.41
N PHE C 171 -13.36 22.70 -4.79
CA PHE C 171 -14.73 22.25 -4.91
C PHE C 171 -15.31 22.69 -6.23
N THR C 172 -16.03 21.75 -6.87
CA THR C 172 -16.59 21.96 -8.19
C THR C 172 -17.39 23.26 -8.24
N GLU C 173 -18.23 23.48 -7.23
CA GLU C 173 -19.13 24.65 -7.13
C GLU C 173 -18.34 25.97 -7.09
N VAL C 174 -17.13 25.91 -6.54
CA VAL C 174 -16.30 27.09 -6.37
C VAL C 174 -15.49 27.35 -7.63
N LEU C 175 -14.92 26.28 -8.17
CA LEU C 175 -14.13 26.38 -9.39
C LEU C 175 -15.00 26.74 -10.60
N PHE C 176 -16.21 26.20 -10.64
CA PHE C 176 -17.12 26.37 -11.77
C PHE C 176 -18.51 26.76 -11.30
N PRO C 177 -18.71 28.04 -10.95
CA PRO C 177 -19.99 28.50 -10.40
C PRO C 177 -21.14 28.63 -11.40
N ASP C 178 -20.98 28.12 -12.61
CA ASP C 178 -22.08 28.15 -13.58
C ASP C 178 -22.38 26.75 -14.12
N MET D 9 5.60 -40.44 21.96
CA MET D 9 6.63 -39.41 22.03
C MET D 9 6.39 -38.31 21.00
N ILE D 10 6.55 -37.06 21.42
CA ILE D 10 6.39 -35.93 20.50
C ILE D 10 7.71 -35.55 19.86
N ARG D 11 7.82 -35.79 18.56
CA ARG D 11 9.03 -35.49 17.78
C ARG D 11 9.05 -34.05 17.28
N GLU D 12 10.24 -33.52 17.01
CA GLU D 12 10.39 -32.15 16.52
C GLU D 12 9.86 -32.01 15.10
N ILE D 13 9.16 -30.90 14.85
CA ILE D 13 8.69 -30.60 13.51
C ILE D 13 9.75 -29.80 12.77
N LEU D 14 10.21 -30.31 11.63
CA LEU D 14 11.21 -29.62 10.84
C LEU D 14 10.66 -28.34 10.22
N LYS D 15 11.52 -27.34 10.10
CA LYS D 15 11.10 -26.06 9.55
C LYS D 15 11.65 -25.85 8.15
N MET D 16 10.91 -25.11 7.34
CA MET D 16 11.29 -24.87 5.96
C MET D 16 12.71 -24.31 5.88
N GLY D 17 13.48 -24.84 4.94
CA GLY D 17 14.90 -24.58 4.88
C GLY D 17 15.64 -25.90 5.12
N ASP D 18 15.00 -26.83 5.83
CA ASP D 18 15.63 -28.14 6.07
C ASP D 18 15.56 -28.97 4.78
N PRO D 19 16.71 -29.50 4.32
CA PRO D 19 16.74 -30.29 3.09
C PRO D 19 15.82 -31.50 3.12
N ARG D 20 15.52 -32.02 4.30
CA ARG D 20 14.69 -33.21 4.40
C ARG D 20 13.25 -32.93 4.00
N LEU D 21 12.82 -31.68 4.08
CA LEU D 21 11.46 -31.32 3.68
C LEU D 21 11.35 -31.24 2.16
N LEU D 22 12.50 -31.36 1.47
CA LEU D 22 12.51 -31.20 0.02
C LEU D 22 12.70 -32.54 -0.70
N ARG D 23 12.53 -33.65 0.01
CA ARG D 23 12.86 -34.95 -0.57
C ARG D 23 11.59 -35.59 -1.10
N ILE D 24 11.75 -36.53 -2.03
CA ILE D 24 10.62 -37.34 -2.45
C ILE D 24 10.59 -38.57 -1.55
N ALA D 25 9.50 -38.75 -0.80
CA ALA D 25 9.43 -39.82 0.20
C ALA D 25 9.28 -41.19 -0.43
N ASP D 26 9.81 -42.20 0.26
CA ASP D 26 9.73 -43.59 -0.19
C ASP D 26 8.41 -44.23 0.21
N PRO D 27 7.89 -45.15 -0.64
CA PRO D 27 6.65 -45.84 -0.28
C PRO D 27 6.88 -46.79 0.88
N VAL D 28 5.85 -47.03 1.69
CA VAL D 28 5.92 -48.05 2.72
C VAL D 28 5.82 -49.44 2.11
N ASP D 29 6.74 -50.33 2.49
CA ASP D 29 6.82 -51.67 1.93
C ASP D 29 6.08 -52.70 2.76
N HIS D 30 6.05 -52.50 4.07
CA HIS D 30 5.49 -53.51 4.95
C HIS D 30 4.48 -52.89 5.90
N PHE D 31 3.28 -53.46 5.92
CA PHE D 31 2.20 -52.94 6.74
C PHE D 31 2.05 -53.74 8.03
N ASP D 32 1.33 -53.18 9.00
CA ASP D 32 1.05 -53.84 10.26
C ASP D 32 2.34 -54.25 10.99
N THR D 33 3.32 -53.34 10.99
CA THR D 33 4.59 -53.58 11.67
C THR D 33 4.69 -52.70 12.93
N PRO D 34 5.45 -53.14 13.94
CA PRO D 34 5.62 -52.35 15.16
C PRO D 34 6.20 -50.96 14.90
N GLU D 35 7.12 -50.85 13.95
CA GLU D 35 7.73 -49.57 13.65
C GLU D 35 6.75 -48.63 12.95
N LEU D 36 5.88 -49.19 12.11
CA LEU D 36 4.89 -48.37 11.42
C LEU D 36 3.82 -47.90 12.40
N HIS D 37 3.38 -48.79 13.29
CA HIS D 37 2.42 -48.41 14.31
C HIS D 37 3.00 -47.31 15.20
N GLU D 38 4.29 -47.45 15.52
CA GLU D 38 4.96 -46.44 16.34
C GLU D 38 5.07 -45.12 15.61
N LEU D 39 5.39 -45.16 14.32
CA LEU D 39 5.46 -43.96 13.50
C LEU D 39 4.13 -43.22 13.53
N VAL D 40 3.05 -43.96 13.31
CA VAL D 40 1.72 -43.37 13.30
C VAL D 40 1.41 -42.76 14.66
N LYS D 41 1.75 -43.48 15.74
CA LYS D 41 1.54 -43.00 17.10
C LYS D 41 2.31 -41.70 17.36
N ASP D 42 3.57 -41.66 16.97
CA ASP D 42 4.39 -40.45 17.12
C ASP D 42 3.82 -39.27 16.35
N MET D 43 3.32 -39.56 15.15
CA MET D 43 2.78 -38.52 14.28
C MET D 43 1.53 -37.90 14.90
N PHE D 44 0.63 -38.74 15.42
CA PHE D 44 -0.59 -38.24 16.05
C PHE D 44 -0.28 -37.43 17.30
N GLU D 45 0.69 -37.90 18.08
CA GLU D 45 1.11 -37.20 19.30
C GLU D 45 1.67 -35.82 18.96
N THR D 46 2.52 -35.79 17.96
CA THR D 46 3.17 -34.57 17.51
C THR D 46 2.14 -33.59 16.96
N MET D 47 1.23 -34.10 16.14
CA MET D 47 0.18 -33.30 15.53
C MET D 47 -0.77 -32.69 16.56
N HIS D 48 -1.23 -33.53 17.48
CA HIS D 48 -2.16 -33.07 18.51
C HIS D 48 -1.50 -32.05 19.41
N ASP D 49 -0.24 -32.29 19.76
CA ASP D 49 0.54 -31.36 20.57
C ASP D 49 0.69 -29.98 19.92
N ALA D 50 0.73 -29.96 18.59
CA ALA D 50 0.91 -28.72 17.85
C ALA D 50 -0.42 -28.14 17.38
N ASN D 51 -1.51 -28.77 17.79
CA ASN D 51 -2.87 -28.40 17.38
C ASN D 51 -3.05 -28.36 15.87
N GLY D 52 -2.47 -29.36 15.18
CA GLY D 52 -2.55 -29.43 13.74
C GLY D 52 -3.73 -30.22 13.22
N ALA D 53 -4.15 -29.93 11.98
CA ALA D 53 -5.23 -30.66 11.34
C ALA D 53 -4.71 -31.84 10.53
N GLY D 54 -3.39 -31.90 10.39
CA GLY D 54 -2.75 -32.97 9.63
C GLY D 54 -1.25 -32.99 9.87
N LEU D 55 -0.60 -34.04 9.38
CA LEU D 55 0.85 -34.12 9.46
C LEU D 55 1.38 -35.14 8.48
N ALA D 56 2.56 -34.87 7.92
CA ALA D 56 3.19 -35.80 7.01
C ALA D 56 4.49 -36.27 7.62
N ALA D 57 4.85 -37.54 7.42
CA ALA D 57 6.06 -38.10 8.01
C ALA D 57 7.36 -37.31 7.73
N PRO D 58 7.53 -36.76 6.50
CA PRO D 58 8.75 -35.95 6.31
C PRO D 58 8.85 -34.77 7.27
N GLN D 59 7.71 -34.30 7.79
CA GLN D 59 7.75 -33.16 8.71
C GLN D 59 8.43 -33.50 10.03
N ILE D 60 8.52 -34.78 10.37
CA ILE D 60 9.31 -35.15 11.54
C ILE D 60 10.56 -35.91 11.09
N GLY D 61 10.97 -35.71 9.84
CA GLY D 61 12.23 -36.23 9.36
C GLY D 61 12.21 -37.69 8.93
N VAL D 62 11.01 -38.23 8.69
CA VAL D 62 10.86 -39.63 8.29
C VAL D 62 10.45 -39.66 6.82
N ASN D 63 11.32 -40.22 5.98
CA ASN D 63 11.16 -40.09 4.54
C ASN D 63 10.22 -41.16 3.95
N LEU D 64 9.02 -41.24 4.50
CA LEU D 64 8.04 -42.26 4.10
C LEU D 64 6.73 -41.65 3.66
N GLN D 65 6.04 -42.33 2.75
CA GLN D 65 4.77 -41.83 2.23
C GLN D 65 3.63 -42.11 3.21
N VAL D 66 3.65 -41.39 4.32
CA VAL D 66 2.65 -41.54 5.36
C VAL D 66 2.13 -40.17 5.75
N VAL D 67 0.81 -39.99 5.66
CA VAL D 67 0.21 -38.78 6.19
C VAL D 67 -0.98 -39.10 7.06
N ILE D 68 -1.26 -38.21 8.00
CA ILE D 68 -2.47 -38.31 8.80
C ILE D 68 -3.22 -36.98 8.73
N PHE D 69 -4.53 -37.03 8.89
CA PHE D 69 -5.36 -35.82 8.88
C PHE D 69 -6.72 -36.13 9.50
N GLY D 70 -7.49 -35.09 9.80
CA GLY D 70 -8.77 -35.27 10.44
C GLY D 70 -9.00 -34.24 11.52
N PHE D 71 -10.19 -33.63 11.48
CA PHE D 71 -10.51 -32.50 12.35
C PHE D 71 -11.99 -32.50 12.71
N PRO D 82 -16.54 -31.43 8.19
CA PRO D 82 -15.64 -32.20 9.05
C PRO D 82 -14.78 -33.18 8.26
N VAL D 83 -13.51 -33.29 8.63
CA VAL D 83 -12.60 -34.22 7.98
C VAL D 83 -12.43 -35.46 8.87
N PRO D 84 -12.63 -36.66 8.30
CA PRO D 84 -12.55 -37.90 9.09
C PRO D 84 -11.11 -38.21 9.50
N GLU D 85 -10.89 -38.66 10.73
CA GLU D 85 -9.51 -38.95 11.14
C GLU D 85 -8.98 -40.16 10.36
N THR D 86 -7.85 -39.95 9.70
CA THR D 86 -7.38 -40.86 8.67
C THR D 86 -5.87 -41.05 8.71
N VAL D 87 -5.43 -42.30 8.55
CA VAL D 87 -4.05 -42.59 8.22
C VAL D 87 -4.01 -43.03 6.77
N LEU D 88 -3.25 -42.31 5.96
CA LEU D 88 -3.21 -42.53 4.51
C LEU D 88 -1.78 -42.80 4.07
N ILE D 89 -1.54 -43.99 3.57
CA ILE D 89 -0.19 -44.42 3.24
C ILE D 89 -0.07 -44.73 1.76
N ASN D 90 1.08 -44.39 1.17
CA ASN D 90 1.32 -44.56 -0.27
C ASN D 90 0.20 -43.96 -1.11
N PRO D 91 -0.12 -42.67 -0.88
CA PRO D 91 -1.32 -42.13 -1.53
C PRO D 91 -1.10 -41.74 -2.98
N THR D 92 -2.18 -41.76 -3.75
CA THR D 92 -2.21 -41.16 -5.08
C THR D 92 -3.41 -40.23 -5.14
N ILE D 93 -3.28 -39.12 -5.84
CA ILE D 93 -4.39 -38.17 -5.98
C ILE D 93 -4.75 -37.97 -7.45
N THR D 94 -6.04 -38.04 -7.76
CA THR D 94 -6.51 -37.79 -9.12
C THR D 94 -7.59 -36.72 -9.12
N PRO D 95 -7.29 -35.56 -9.72
CA PRO D 95 -8.30 -34.51 -9.85
C PRO D 95 -9.51 -34.98 -10.65
N VAL D 96 -10.71 -34.64 -10.19
CA VAL D 96 -11.94 -34.96 -10.91
C VAL D 96 -12.18 -33.99 -12.07
N SER D 97 -11.90 -32.72 -11.83
CA SER D 97 -11.94 -31.71 -12.88
C SER D 97 -10.74 -30.80 -12.70
N GLN D 98 -10.57 -29.86 -13.61
CA GLN D 98 -9.48 -28.90 -13.49
C GLN D 98 -9.92 -27.69 -12.66
N ASP D 99 -11.12 -27.75 -12.11
CA ASP D 99 -11.65 -26.67 -11.28
CA ASP D 99 -11.67 -26.67 -11.28
C ASP D 99 -10.82 -26.47 -10.02
N MET D 100 -10.44 -25.21 -9.76
CA MET D 100 -9.62 -24.91 -8.60
C MET D 100 -10.15 -23.75 -7.77
N GLU D 101 -9.77 -23.70 -6.50
CA GLU D 101 -10.18 -22.61 -5.63
C GLU D 101 -9.05 -22.20 -4.71
N GLU D 102 -8.95 -20.90 -4.50
CA GLU D 102 -7.95 -20.32 -3.64
C GLU D 102 -8.42 -20.35 -2.19
N GLY D 103 -7.50 -20.63 -1.27
CA GLY D 103 -7.81 -20.63 0.15
C GLY D 103 -6.58 -20.37 0.99
N TRP D 104 -6.78 -19.89 2.21
CA TRP D 104 -5.65 -19.59 3.10
C TRP D 104 -5.10 -20.86 3.72
N GLU D 105 -3.78 -21.02 3.68
CA GLU D 105 -3.12 -22.17 4.28
C GLU D 105 -2.00 -21.73 5.21
N GLY D 106 -1.79 -22.52 6.25
CA GLY D 106 -0.61 -22.41 7.09
C GLY D 106 -0.02 -23.80 7.25
N CYS D 107 1.19 -23.87 7.79
CA CYS D 107 1.90 -25.15 7.90
C CYS D 107 2.75 -25.11 9.17
N LEU D 108 2.77 -26.21 9.92
CA LEU D 108 3.59 -26.30 11.12
C LEU D 108 5.07 -26.19 10.80
N SER D 109 5.44 -26.52 9.55
CA SER D 109 6.83 -26.39 9.12
C SER D 109 7.13 -24.96 8.66
N VAL D 110 6.09 -24.14 8.56
CA VAL D 110 6.26 -22.73 8.17
C VAL D 110 5.57 -21.85 9.25
N PRO D 111 6.09 -21.90 10.49
CA PRO D 111 5.38 -21.26 11.60
C PRO D 111 5.28 -19.74 11.45
N GLY D 112 4.14 -19.19 11.82
CA GLY D 112 3.97 -17.73 11.87
C GLY D 112 3.41 -17.08 10.61
N LEU D 113 3.24 -17.86 9.56
CA LEU D 113 2.86 -17.36 8.25
C LEU D 113 1.58 -17.99 7.68
N ARG D 114 0.94 -17.27 6.75
CA ARG D 114 -0.19 -17.80 5.98
C ARG D 114 -0.03 -17.36 4.53
N GLY D 115 -0.53 -18.16 3.59
CA GLY D 115 -0.55 -17.76 2.20
C GLY D 115 -1.79 -18.27 1.50
N ALA D 116 -2.22 -17.58 0.44
CA ALA D 116 -3.35 -18.04 -0.35
C ALA D 116 -2.86 -19.03 -1.41
N VAL D 117 -3.49 -20.20 -1.44
CA VAL D 117 -3.06 -21.29 -2.32
C VAL D 117 -4.23 -21.81 -3.14
N SER D 118 -4.05 -21.96 -4.47
CA SER D 118 -5.07 -22.62 -5.28
C SER D 118 -4.93 -24.14 -5.20
N ARG D 119 -6.06 -24.81 -4.97
CA ARG D 119 -6.09 -26.27 -4.91
C ARG D 119 -7.24 -26.79 -5.76
N PHE D 120 -7.13 -28.05 -6.18
CA PHE D 120 -8.26 -28.68 -6.86
C PHE D 120 -9.46 -28.71 -5.92
N SER D 121 -10.63 -28.36 -6.46
CA SER D 121 -11.87 -28.32 -5.71
C SER D 121 -12.36 -29.71 -5.36
N MET D 122 -12.07 -30.66 -6.25
CA MET D 122 -12.57 -32.03 -6.09
C MET D 122 -11.53 -33.03 -6.55
N ILE D 123 -11.25 -34.01 -5.70
CA ILE D 123 -10.25 -35.03 -6.00
C ILE D 123 -10.77 -36.41 -5.65
N LYS D 124 -10.19 -37.41 -6.29
CA LYS D 124 -10.26 -38.79 -5.82
C LYS D 124 -8.90 -39.06 -5.20
N TYR D 125 -8.86 -39.78 -4.08
CA TYR D 125 -7.57 -40.23 -3.58
C TYR D 125 -7.63 -41.67 -3.12
N HIS D 126 -6.48 -42.31 -3.24
CA HIS D 126 -6.34 -43.74 -2.96
C HIS D 126 -5.09 -43.95 -2.11
N GLY D 127 -5.13 -44.95 -1.24
CA GLY D 127 -3.98 -45.27 -0.41
C GLY D 127 -4.33 -46.43 0.49
N PHE D 128 -3.59 -46.57 1.58
CA PHE D 128 -3.79 -47.68 2.51
C PHE D 128 -3.69 -47.20 3.95
N ASP D 129 -4.35 -47.89 4.87
CA ASP D 129 -4.13 -47.58 6.28
C ASP D 129 -2.89 -48.33 6.76
N GLN D 130 -2.56 -48.18 8.05
CA GLN D 130 -1.33 -48.78 8.58
C GLN D 130 -1.42 -50.31 8.66
N TYR D 131 -2.61 -50.86 8.40
CA TYR D 131 -2.77 -52.30 8.37
C TYR D 131 -2.75 -52.82 6.93
N GLY D 132 -2.63 -51.90 5.98
CA GLY D 132 -2.58 -52.30 4.58
C GLY D 132 -3.94 -52.42 3.92
N LYS D 133 -4.99 -51.98 4.61
CA LYS D 133 -6.32 -52.00 4.04
C LYS D 133 -6.48 -50.81 3.10
N PRO D 134 -7.04 -51.05 1.90
CA PRO D 134 -7.17 -50.00 0.90
C PRO D 134 -8.13 -48.90 1.33
N ILE D 135 -7.79 -47.66 0.97
CA ILE D 135 -8.63 -46.49 1.19
C ILE D 135 -8.90 -45.81 -0.15
N ASP D 136 -10.17 -45.64 -0.48
CA ASP D 136 -10.55 -45.03 -1.73
C ASP D 136 -11.71 -44.06 -1.52
N ARG D 137 -11.43 -42.77 -1.73
CA ARG D 137 -12.39 -41.73 -1.40
C ARG D 137 -12.49 -40.65 -2.45
N VAL D 138 -13.63 -39.97 -2.46
CA VAL D 138 -13.79 -38.74 -3.19
C VAL D 138 -13.89 -37.60 -2.18
N ALA D 139 -13.16 -36.52 -2.41
CA ALA D 139 -13.16 -35.39 -1.49
C ALA D 139 -13.33 -34.07 -2.22
N GLU D 140 -13.94 -33.12 -1.54
CA GLU D 140 -14.08 -31.77 -2.08
C GLU D 140 -13.81 -30.71 -1.01
N GLY D 141 -13.65 -29.46 -1.43
CA GLY D 141 -13.50 -28.37 -0.49
C GLY D 141 -12.35 -28.54 0.48
N PHE D 142 -12.60 -28.25 1.75
CA PHE D 142 -11.53 -28.30 2.75
C PHE D 142 -10.90 -29.67 2.88
N HIS D 143 -11.73 -30.72 2.85
CA HIS D 143 -11.27 -32.11 2.87
C HIS D 143 -10.23 -32.34 1.77
N ALA D 144 -10.57 -31.98 0.53
CA ALA D 144 -9.66 -32.12 -0.60
C ALA D 144 -8.39 -31.28 -0.42
N ARG D 145 -8.56 -30.08 0.15
CA ARG D 145 -7.42 -29.18 0.38
C ARG D 145 -6.38 -29.77 1.34
N VAL D 146 -6.87 -30.29 2.46
CA VAL D 146 -5.99 -30.90 3.46
C VAL D 146 -5.23 -32.08 2.86
N VAL D 147 -5.91 -32.92 2.09
CA VAL D 147 -5.25 -34.08 1.49
C VAL D 147 -4.16 -33.64 0.50
N GLN D 148 -4.46 -32.63 -0.30
CA GLN D 148 -3.47 -32.13 -1.26
C GLN D 148 -2.25 -31.55 -0.53
N HIS D 149 -2.52 -30.75 0.49
CA HIS D 149 -1.48 -30.12 1.31
C HIS D 149 -0.56 -31.16 1.93
N GLU D 150 -1.13 -32.19 2.56
CA GLU D 150 -0.33 -33.23 3.19
C GLU D 150 0.46 -34.06 2.19
N CYS D 151 -0.18 -34.45 1.10
CA CYS D 151 0.50 -35.28 0.12
C CYS D 151 1.62 -34.50 -0.58
N ASP D 152 1.48 -33.18 -0.73
CA ASP D 152 2.54 -32.36 -1.27
C ASP D 152 3.85 -32.54 -0.48
N HIS D 153 3.74 -32.66 0.83
CA HIS D 153 4.95 -32.90 1.64
C HIS D 153 5.70 -34.16 1.19
N LEU D 154 4.97 -35.14 0.67
CA LEU D 154 5.62 -36.41 0.30
C LEU D 154 6.43 -36.25 -0.98
N ILE D 155 6.21 -35.16 -1.72
CA ILE D 155 7.05 -34.95 -2.89
C ILE D 155 7.90 -33.70 -2.72
N GLY D 156 8.17 -33.37 -1.46
CA GLY D 156 9.13 -32.34 -1.13
C GLY D 156 8.58 -30.95 -1.38
N LYS D 157 7.26 -30.80 -1.31
CA LYS D 157 6.61 -29.52 -1.56
C LYS D 157 5.96 -28.92 -0.32
N LEU D 158 6.28 -27.66 -0.05
CA LEU D 158 5.57 -26.87 0.95
C LEU D 158 4.71 -25.83 0.24
N TYR D 159 3.69 -25.32 0.92
CA TYR D 159 2.71 -24.50 0.22
C TYR D 159 3.28 -23.21 -0.45
N PRO D 160 4.40 -22.63 0.06
CA PRO D 160 4.93 -21.50 -0.74
C PRO D 160 5.33 -21.90 -2.16
N MET D 161 5.67 -23.16 -2.40
CA MET D 161 5.93 -23.62 -3.76
C MET D 161 4.68 -23.54 -4.62
N ARG D 162 3.51 -23.55 -3.97
CA ARG D 162 2.25 -23.56 -4.69
C ARG D 162 1.61 -22.16 -4.83
N ILE D 163 2.14 -21.16 -4.12
CA ILE D 163 1.56 -19.82 -4.17
C ILE D 163 1.85 -19.13 -5.50
N ASN D 164 0.82 -18.54 -6.10
CA ASN D 164 1.02 -17.80 -7.34
C ASN D 164 1.17 -16.29 -7.13
N ASP D 165 0.61 -15.79 -6.04
CA ASP D 165 0.61 -14.34 -5.76
C ASP D 165 1.16 -14.07 -4.37
N PHE D 166 2.42 -13.64 -4.26
CA PHE D 166 2.99 -13.47 -2.94
C PHE D 166 2.57 -12.16 -2.26
N ALA D 167 1.71 -11.40 -2.91
CA ALA D 167 1.02 -10.33 -2.21
C ALA D 167 0.09 -10.95 -1.17
N LYS D 168 -0.30 -12.20 -1.41
CA LYS D 168 -1.18 -12.93 -0.50
C LYS D 168 -0.38 -13.91 0.34
N PHE D 169 0.68 -13.38 0.94
CA PHE D 169 1.56 -14.16 1.80
C PHE D 169 2.08 -13.21 2.87
N GLY D 170 2.07 -13.65 4.13
CA GLY D 170 2.50 -12.76 5.20
C GLY D 170 2.35 -13.36 6.59
N PHE D 171 2.66 -12.57 7.61
CA PHE D 171 2.58 -13.07 8.97
C PHE D 171 1.13 -13.12 9.44
N THR D 172 0.78 -14.23 10.08
CA THR D 172 -0.59 -14.48 10.51
C THR D 172 -1.16 -13.30 11.31
N GLU D 173 -0.38 -12.81 12.27
CA GLU D 173 -0.81 -11.72 13.15
C GLU D 173 -1.07 -10.44 12.38
N VAL D 174 -0.39 -10.27 11.24
CA VAL D 174 -0.52 -9.07 10.44
C VAL D 174 -1.69 -9.19 9.49
N LEU D 175 -1.81 -10.35 8.84
CA LEU D 175 -2.90 -10.62 7.92
C LEU D 175 -4.24 -10.73 8.64
N PHE D 176 -4.23 -11.30 9.83
CA PHE D 176 -5.45 -11.54 10.59
C PHE D 176 -5.31 -11.09 12.04
N PRO D 177 -5.37 -9.76 12.28
CA PRO D 177 -5.23 -9.22 13.63
C PRO D 177 -6.49 -9.38 14.47
FE FE2 E . -7.70 26.26 7.73
C5 BB2 F . -9.98 25.75 11.46
C3 BB2 F . -9.45 26.47 10.24
O4 BB2 F . -9.89 26.23 9.12
N1 BB2 F . -8.50 27.35 10.49
O2 BB2 F . -7.98 28.11 9.45
C6 BB2 F . -9.13 24.53 11.85
C12 BB2 F . -9.99 23.60 12.67
O13 BB2 F . -10.69 24.01 13.59
C7 BB2 F . -7.91 24.97 12.68
C8 BB2 F . -7.03 23.83 13.17
C9 BB2 F . -6.29 23.09 12.06
C10 BB2 F . -5.39 21.97 12.54
C11 BB2 F . -6.16 20.90 13.26
N14 BB2 F . -9.91 22.32 12.30
C15 BB2 F . -10.56 21.24 13.02
C16 BB2 F . -11.92 20.86 12.40
C18 BB2 F . -11.76 20.40 10.95
C17 BB2 F . -12.94 21.97 12.49
C19 BB2 F . -9.60 20.05 12.99
O20 BB2 F . -8.86 19.90 12.03
N21 BB2 F . -9.56 19.23 14.05
C22 BB2 F . -8.65 18.06 14.07
C23 BB2 F . -10.31 19.35 15.31
C24 BB2 F . -9.35 18.76 16.31
C25 BB2 F . -8.60 17.67 15.55
C26 BB2 F . -9.17 16.95 13.16
O27 BB2 F . -8.23 15.89 13.03
MG MG G . 2.30 48.54 4.94
FE FE2 H . 13.47 -5.02 2.45
C5 BB2 I . 17.08 -4.39 4.77
C3 BB2 I . 15.70 -4.11 4.20
O4 BB2 I . 14.69 -4.53 4.74
N1 BB2 I . 15.70 -3.38 3.11
O2 BB2 I . 14.52 -2.79 2.68
C6 BB2 I . 17.89 -5.37 3.92
C12 BB2 I . 19.00 -5.93 4.78
O13 BB2 I . 19.80 -5.22 5.36
C7 BB2 I . 18.50 -4.66 2.70
C8 BB2 I . 19.41 -5.53 1.83
C9 BB2 I . 18.66 -6.56 1.00
C10 BB2 I . 19.55 -7.39 0.10
C11 BB2 I . 20.59 -8.17 0.86
N14 BB2 I . 19.02 -7.26 4.84
C15 BB2 I . 20.10 -7.99 5.48
C16 BB2 I . 19.66 -8.61 6.83
C18 BB2 I . 18.51 -9.57 6.64
C17 BB2 I . 19.30 -7.54 7.85
C19 BB2 I . 20.54 -9.08 4.50
O20 BB2 I . 19.76 -9.49 3.66
N21 BB2 I . 21.80 -9.51 4.55
C22 BB2 I . 22.28 -10.56 3.64
C23 BB2 I . 22.88 -9.06 5.45
C24 BB2 I . 24.11 -9.23 4.60
C25 BB2 I . 23.81 -10.45 3.73
C26 BB2 I . 21.76 -11.94 4.03
O27 BB2 I . 22.21 -12.94 3.14
MG MG J . 3.91 14.62 -8.18
MG MG K . 25.35 -14.44 -14.17
FE FE2 L . -12.22 7.90 -10.72
C5 BB2 M . -15.54 8.58 -13.34
C3 BB2 M . -14.67 7.87 -12.31
O4 BB2 M . -14.84 8.03 -11.11
N1 BB2 M . -13.75 7.09 -12.83
O2 BB2 M . -13.25 6.05 -12.07
C6 BB2 M . -14.81 9.77 -13.98
C12 BB2 M . -15.86 10.76 -14.39
O13 BB2 M . -16.91 10.41 -14.92
C7 BB2 M . -14.01 9.28 -15.19
C8 BB2 M . -13.33 10.37 -16.02
C9 BB2 M . -12.16 11.05 -15.32
C10 BB2 M . -11.36 11.98 -16.22
C11 BB2 M . -12.16 13.15 -16.72
N14 BB2 M . -15.56 12.03 -14.11
C15 BB2 M . -16.37 13.13 -14.60
C16 BB2 M . -17.35 13.65 -13.52
C18 BB2 M . -16.64 13.92 -12.21
C17 BB2 M . -18.51 12.70 -13.30
C19 BB2 M . -15.41 14.22 -15.07
O20 BB2 M . -14.36 14.40 -14.50
N21 BB2 M . -15.75 14.91 -16.17
C22 BB2 M . -14.89 15.99 -16.69
C23 BB2 M . -16.93 14.70 -17.01
C24 BB2 M . -16.47 15.17 -18.37
C25 BB2 M . -15.54 16.34 -18.05
C26 BB2 M . -14.83 17.17 -15.74
O27 BB2 M . -14.02 18.21 -16.26
FE FE2 N . 2.17 -28.65 6.18
C5 BB2 O . -0.83 -28.88 9.38
C3 BB2 O . 0.44 -29.31 8.66
O4 BB2 O . 1.45 -28.62 8.67
N1 BB2 O . 0.35 -30.48 8.06
O2 BB2 O . 1.16 -30.74 6.96
C6 BB2 O . -1.80 -28.05 8.52
C12 BB2 O . -2.68 -27.27 9.45
O13 BB2 O . -3.18 -27.78 10.45
C7 BB2 O . -2.69 -28.96 7.66
C8 BB2 O . -3.82 -28.25 6.91
C9 BB2 O . -3.33 -27.30 5.83
C10 BB2 O . -4.40 -26.80 4.89
C11 BB2 O . -5.45 -25.98 5.57
N14 BB2 O . -2.85 -26.00 9.11
C15 BB2 O . -3.60 -25.06 9.94
C16 BB2 O . -2.69 -24.36 10.96
C18 BB2 O . -3.30 -23.06 11.45
C17 BB2 O . -2.35 -25.26 12.13
C19 BB2 O . -4.26 -24.03 9.00
O20 BB2 O . -3.62 -23.55 8.09
N21 BB2 O . -5.54 -23.71 9.21
C22 BB2 O . -6.22 -22.71 8.36
C23 BB2 O . -6.45 -24.27 10.23
C24 BB2 O . -7.80 -24.12 9.59
C25 BB2 O . -7.69 -22.83 8.79
C26 BB2 O . -5.64 -21.33 8.57
O27 BB2 O . -6.05 -20.42 7.55
#